data_8CEA
#
_entry.id   8CEA
#
_cell.length_a   1.00
_cell.length_b   1.00
_cell.length_c   1.00
_cell.angle_alpha   90.00
_cell.angle_beta   90.00
_cell.angle_gamma   90.00
#
_symmetry.space_group_name_H-M   'P 1'
#
loop_
_entity.id
_entity.type
_entity.pdbx_description
1 polymer 'Cytochrome c biogenesis ATP-binding export protein CcmA'
2 polymer 'Heme exporter protein B'
3 polymer 'Heme exporter protein C'
4 polymer 'Heme exporter protein D'
#
loop_
_entity_poly.entity_id
_entity_poly.type
_entity_poly.pdbx_seq_one_letter_code
_entity_poly.pdbx_strand_id
1 'polypeptide(L)'
;MASWSHPQFEKMGMLEARELLCERDERTLFSGLSFTLNAGEWVQITGSNGAGKTTLLRLLTGLSRPDAGEVLWQGQPLHQ
VRDSYHQNLLWIGHQPGIKTRLTALENLHFYHRDGDTAQCLEALAQAGLAGFEDIPVNQLSAGQQRRVALARLWLTRATL
WILDQPFTAIDVNGVDRLTQRMAQHTEQGGIVILTTHQPLNVAESKIRRISLTQTRAA
;
A,a
2 'polypeptide(L)'
;MMFWRIFRLELRVAFRHSAEIANPLWFFLIVITLFPLSIGPEPQLLARIAPGIIWVAALLSSLLALERLFRDDLQDGSLE
QLMLLPLPLPAVVLAKVMAHWMVTGLPLLILSPLVAMLLGMDVYGWQVMALTLLLGTPTLGFLGAPGVALTVGLKRGGVL
LSILVLPLTIPLLIFATAAMDAASMHLPVDGYLAILGALLAGTATLSPFATAAALRISIQ
;
B,b
3 'polypeptide(L)'
;MWKTLHQLAIPPRLYQICGWFIPWLAIASVVVLTVGWIWGFGFAPADYQQGNSYRIIYLHVPAAIWSMGIYASMAVAAFI
GLVWQMKMANLAVAAMAPIGAVFTFIALVTGSAWGKPMWGTWWVWDARLTSELVLLFLYVGVIALWHAFDDRRLAGRAAG
ILVLIGVVNLPIIHYSVEWWNTLHQGSTRMQQSIDPAMRSPLRWSIFGFLLLSATLTLMRMRNLILLMEKRRPWVSELIL
KRGRK
;
C
4 'polypeptide(L)' MTPAFASWNEFFAMGGYAFFVWLAVVMTVIPLVVLVVHSVMQHRAILRGVAQQRAREARLRAAQQQEAA D
#
# COMPACT_ATOMS: atom_id res chain seq x y z
N MET A 12 -27.66 23.91 27.93
CA MET A 12 -27.45 22.83 26.97
C MET A 12 -26.07 22.19 27.15
N GLY A 13 -25.93 20.95 26.71
CA GLY A 13 -24.67 20.27 26.82
C GLY A 13 -23.67 20.71 25.77
N MET A 14 -22.39 20.63 26.14
CA MET A 14 -21.31 21.00 25.23
C MET A 14 -21.15 19.97 24.12
N LEU A 15 -21.14 18.69 24.51
CA LEU A 15 -21.00 17.57 23.59
C LEU A 15 -22.23 16.68 23.69
N GLU A 16 -22.91 16.45 22.57
CA GLU A 16 -24.16 15.70 22.57
C GLU A 16 -24.07 14.58 21.54
N ALA A 17 -24.67 13.43 21.86
CA ALA A 17 -24.70 12.30 20.94
C ALA A 17 -26.14 11.95 20.62
N ARG A 18 -26.38 11.44 19.41
CA ARG A 18 -27.74 11.10 18.98
C ARG A 18 -27.69 9.86 18.10
N GLU A 19 -27.95 8.71 18.72
CA GLU A 19 -28.27 7.44 18.04
C GLU A 19 -27.15 6.99 17.11
N LEU A 20 -25.92 6.98 17.63
CA LEU A 20 -24.78 6.56 16.84
C LEU A 20 -24.86 5.06 16.54
N LEU A 21 -25.08 4.73 15.28
CA LEU A 21 -25.05 3.37 14.80
C LEU A 21 -23.73 3.16 14.07
N CYS A 22 -22.95 2.19 14.53
CA CYS A 22 -21.65 1.91 13.91
C CYS A 22 -21.53 0.42 13.60
N GLU A 23 -22.60 -0.17 13.07
CA GLU A 23 -22.51 -1.52 12.57
C GLU A 23 -21.70 -1.54 11.27
N ARG A 24 -20.59 -2.28 11.29
CA ARG A 24 -19.64 -2.22 10.20
C ARG A 24 -18.94 -3.56 10.09
N ASP A 25 -18.49 -3.87 8.86
CA ASP A 25 -17.60 -4.98 8.56
C ASP A 25 -18.19 -6.33 8.99
N GLU A 26 -19.31 -6.68 8.35
CA GLU A 26 -20.12 -7.89 8.60
C GLU A 26 -20.31 -8.22 10.10
N ARG A 27 -20.37 -7.20 10.95
CA ARG A 27 -20.78 -7.37 12.34
C ARG A 27 -21.36 -6.04 12.82
N THR A 28 -21.74 -6.01 14.10
CA THR A 28 -22.21 -4.79 14.75
C THR A 28 -21.42 -4.59 16.03
N LEU A 29 -21.28 -3.33 16.43
CA LEU A 29 -20.47 -3.03 17.62
C LEU A 29 -21.35 -2.58 18.78
N PHE A 30 -22.23 -1.61 18.54
CA PHE A 30 -23.09 -1.03 19.56
C PHE A 30 -24.28 -0.39 18.84
N SER A 31 -25.25 0.09 19.61
CA SER A 31 -26.45 0.66 19.03
C SER A 31 -27.11 1.61 20.03
N GLY A 32 -27.55 2.76 19.53
CA GLY A 32 -28.50 3.61 20.23
C GLY A 32 -27.96 4.45 21.36
N LEU A 33 -26.66 4.73 21.42
CA LEU A 33 -26.15 5.60 22.45
C LEU A 33 -26.47 7.07 22.13
N SER A 34 -26.98 7.78 23.13
CA SER A 34 -27.36 9.19 22.96
C SER A 34 -26.91 9.98 24.19
N PHE A 35 -25.68 9.76 24.63
CA PHE A 35 -25.18 10.39 25.84
C PHE A 35 -24.85 11.86 25.62
N THR A 36 -25.09 12.66 26.67
CA THR A 36 -24.83 14.09 26.65
C THR A 36 -23.86 14.45 27.77
N LEU A 37 -22.99 15.43 27.51
CA LEU A 37 -22.04 15.93 28.49
C LEU A 37 -22.20 17.43 28.60
N ASN A 38 -22.46 17.93 29.80
CA ASN A 38 -22.46 19.36 30.04
C ASN A 38 -21.07 19.78 30.53
N ALA A 39 -20.96 21.03 30.99
CA ALA A 39 -19.65 21.61 31.29
C ALA A 39 -19.03 20.98 32.53
N GLY A 40 -17.77 20.58 32.42
CA GLY A 40 -16.98 20.11 33.55
C GLY A 40 -17.33 18.74 34.09
N GLU A 41 -17.16 17.70 33.29
CA GLU A 41 -17.44 16.32 33.70
C GLU A 41 -16.22 15.43 33.46
N TRP A 42 -16.25 14.27 34.10
CA TRP A 42 -15.27 13.21 33.92
C TRP A 42 -16.03 11.94 33.54
N VAL A 43 -15.59 11.27 32.48
CA VAL A 43 -16.29 10.08 32.01
C VAL A 43 -15.26 9.08 31.51
N GLN A 44 -15.55 7.80 31.77
CA GLN A 44 -14.71 6.68 31.34
C GLN A 44 -15.58 5.71 30.55
N ILE A 45 -15.13 5.37 29.33
CA ILE A 45 -15.83 4.36 28.55
C ILE A 45 -15.53 2.99 29.14
N THR A 46 -16.57 2.18 29.32
CA THR A 46 -16.42 0.86 29.93
C THR A 46 -15.65 -0.08 29.02
N GLY A 47 -15.10 -1.13 29.62
CA GLY A 47 -14.21 -2.02 28.89
C GLY A 47 -14.64 -3.47 28.84
N SER A 48 -14.95 -3.96 27.64
CA SER A 48 -15.21 -5.37 27.41
C SER A 48 -14.16 -5.98 26.49
N ASN A 49 -13.94 -5.42 25.32
CA ASN A 49 -12.90 -5.86 24.40
C ASN A 49 -11.84 -4.77 24.27
N GLY A 50 -10.89 -5.01 23.36
CA GLY A 50 -9.81 -4.06 23.16
C GLY A 50 -10.25 -2.76 22.52
N ALA A 51 -11.17 -2.83 21.56
CA ALA A 51 -11.57 -1.66 20.79
C ALA A 51 -13.09 -1.67 20.63
N GLY A 52 -13.58 -0.84 19.74
CA GLY A 52 -14.99 -0.44 19.71
C GLY A 52 -15.16 0.82 20.52
N LYS A 53 -14.54 0.86 21.70
CA LYS A 53 -14.34 2.10 22.43
C LYS A 53 -13.48 3.07 21.63
N THR A 54 -12.43 2.56 20.98
CA THR A 54 -11.58 3.40 20.13
C THR A 54 -12.36 3.93 18.93
N THR A 55 -13.19 3.07 18.32
CA THR A 55 -14.05 3.51 17.22
C THR A 55 -15.05 4.55 17.69
N LEU A 56 -15.57 4.39 18.92
CA LEU A 56 -16.48 5.37 19.49
C LEU A 56 -15.80 6.72 19.68
N LEU A 57 -14.56 6.70 20.21
CA LEU A 57 -13.82 7.94 20.39
C LEU A 57 -13.48 8.60 19.06
N ARG A 58 -13.21 7.81 18.04
CA ARG A 58 -12.97 8.38 16.71
C ARG A 58 -14.25 8.96 16.11
N LEU A 59 -15.41 8.39 16.46
CA LEU A 59 -16.66 8.99 16.03
C LEU A 59 -16.94 10.31 16.75
N LEU A 60 -16.61 10.41 18.05
CA LEU A 60 -16.91 11.64 18.78
C LEU A 60 -15.98 12.79 18.42
N THR A 61 -14.79 12.49 17.89
CA THR A 61 -13.88 13.58 17.53
C THR A 61 -14.05 14.06 16.11
N GLY A 62 -14.77 13.32 15.27
CA GLY A 62 -15.06 13.76 13.92
C GLY A 62 -14.13 13.24 12.84
N LEU A 63 -13.19 12.36 13.17
CA LEU A 63 -12.32 11.79 12.15
C LEU A 63 -13.07 10.84 11.22
N SER A 64 -13.85 9.93 11.79
CA SER A 64 -14.56 8.91 11.03
C SER A 64 -16.04 9.22 11.02
N ARG A 65 -16.65 9.09 9.85
CA ARG A 65 -18.05 9.46 9.67
C ARG A 65 -18.97 8.40 10.27
N PRO A 66 -20.07 8.79 10.90
CA PRO A 66 -21.02 7.81 11.43
C PRO A 66 -21.81 7.14 10.32
N ASP A 67 -22.19 5.88 10.57
CA ASP A 67 -23.09 5.19 9.65
C ASP A 67 -24.52 5.70 9.78
N ALA A 68 -24.97 5.94 11.01
CA ALA A 68 -26.28 6.52 11.27
C ALA A 68 -26.24 7.24 12.61
N GLY A 69 -27.04 8.29 12.72
CA GLY A 69 -26.98 9.15 13.88
C GLY A 69 -25.90 10.20 13.73
N GLU A 70 -25.84 11.10 14.71
CA GLU A 70 -24.90 12.21 14.59
C GLU A 70 -24.54 12.76 15.96
N VAL A 71 -23.44 13.50 15.99
CA VAL A 71 -22.97 14.16 17.20
C VAL A 71 -23.13 15.67 17.02
N LEU A 72 -23.22 16.38 18.13
CA LEU A 72 -23.47 17.81 18.14
C LEU A 72 -22.50 18.50 19.08
N TRP A 73 -22.00 19.65 18.65
CA TRP A 73 -21.16 20.53 19.45
C TRP A 73 -21.86 21.88 19.54
N GLN A 74 -22.33 22.22 20.75
CA GLN A 74 -23.10 23.45 21.01
C GLN A 74 -24.33 23.55 20.13
N GLY A 75 -24.98 22.42 19.88
CA GLY A 75 -26.21 22.38 19.11
C GLY A 75 -26.04 22.47 17.60
N GLN A 76 -24.81 22.40 17.09
CA GLN A 76 -24.58 22.49 15.66
C GLN A 76 -23.84 21.25 15.16
N PRO A 77 -24.24 20.70 14.02
CA PRO A 77 -23.57 19.48 13.53
C PRO A 77 -22.12 19.71 13.15
N LEU A 78 -21.34 18.64 13.27
CA LEU A 78 -19.88 18.74 13.22
C LEU A 78 -19.35 18.93 11.80
N HIS A 79 -20.16 18.68 10.77
CA HIS A 79 -19.66 18.90 9.42
C HIS A 79 -19.64 20.37 9.05
N GLN A 80 -20.19 21.24 9.89
CA GLN A 80 -20.23 22.67 9.65
C GLN A 80 -19.38 23.47 10.63
N VAL A 81 -19.15 22.95 11.83
CA VAL A 81 -18.53 23.71 12.92
C VAL A 81 -17.10 23.18 13.11
N ARG A 82 -16.50 22.73 12.01
CA ARG A 82 -15.19 22.08 12.05
C ARG A 82 -14.11 23.00 12.63
N ASP A 83 -14.17 24.30 12.32
CA ASP A 83 -13.13 25.21 12.79
C ASP A 83 -13.18 25.40 14.30
N SER A 84 -14.36 25.68 14.84
CA SER A 84 -14.50 25.91 16.28
C SER A 84 -14.24 24.64 17.07
N TYR A 85 -14.65 23.49 16.53
CA TYR A 85 -14.38 22.21 17.19
C TYR A 85 -12.89 21.89 17.18
N HIS A 86 -12.23 22.12 16.04
CA HIS A 86 -10.80 21.87 15.93
C HIS A 86 -9.97 22.85 16.74
N GLN A 87 -10.50 24.03 17.07
CA GLN A 87 -9.82 24.98 17.93
C GLN A 87 -10.00 24.66 19.41
N ASN A 88 -10.77 23.62 19.77
CA ASN A 88 -11.03 23.32 21.17
C ASN A 88 -10.92 21.82 21.46
N LEU A 89 -9.94 21.14 20.85
CA LEU A 89 -9.80 19.71 21.07
C LEU A 89 -8.36 19.29 20.80
N LEU A 90 -7.92 18.25 21.52
CA LEU A 90 -6.69 17.55 21.21
C LEU A 90 -6.94 16.06 21.34
N TRP A 91 -6.14 15.27 20.62
CA TRP A 91 -6.37 13.84 20.47
C TRP A 91 -5.08 13.08 20.75
N ILE A 92 -5.12 12.17 21.71
CA ILE A 92 -4.01 11.26 22.00
C ILE A 92 -4.59 9.85 21.99
N GLY A 93 -4.27 9.08 20.96
CA GLY A 93 -4.76 7.73 20.83
C GLY A 93 -3.69 6.68 21.08
N HIS A 94 -3.87 5.53 20.46
CA HIS A 94 -2.85 4.49 20.49
C HIS A 94 -1.58 4.94 19.77
N GLN A 95 -1.75 5.69 18.68
CA GLN A 95 -0.61 6.27 18.01
C GLN A 95 0.00 7.36 18.88
N PRO A 96 1.33 7.47 18.93
CA PRO A 96 1.96 8.52 19.76
C PRO A 96 1.60 9.93 19.33
N GLY A 97 1.37 10.16 18.04
CA GLY A 97 1.04 11.49 17.56
C GLY A 97 2.21 12.43 17.45
N ILE A 98 3.44 11.93 17.46
CA ILE A 98 4.63 12.74 17.37
C ILE A 98 5.48 12.24 16.20
N LYS A 99 6.32 13.12 15.68
CA LYS A 99 7.27 12.72 14.64
C LYS A 99 8.51 12.12 15.29
N THR A 100 8.91 10.93 14.83
CA THR A 100 10.04 10.23 15.43
C THR A 100 11.36 10.94 15.12
N ARG A 101 11.47 11.48 13.91
CA ARG A 101 12.72 12.06 13.44
C ARG A 101 13.11 13.30 14.22
N LEU A 102 12.15 14.14 14.57
CA LEU A 102 12.44 15.43 15.18
C LEU A 102 12.73 15.24 16.67
N THR A 103 13.27 16.29 17.30
CA THR A 103 13.49 16.24 18.74
C THR A 103 12.23 16.66 19.48
N ALA A 104 12.22 16.35 20.79
CA ALA A 104 10.98 16.46 21.57
C ALA A 104 10.53 17.90 21.74
N LEU A 105 11.47 18.82 21.95
CA LEU A 105 11.13 20.21 22.22
C LEU A 105 10.36 20.83 21.06
N GLU A 106 10.84 20.61 19.83
CA GLU A 106 10.14 21.14 18.67
C GLU A 106 8.91 20.32 18.32
N ASN A 107 8.84 19.06 18.78
CA ASN A 107 7.58 18.32 18.68
C ASN A 107 6.49 18.98 19.51
N LEU A 108 6.81 19.43 20.72
CA LEU A 108 5.84 20.25 21.45
C LEU A 108 5.66 21.62 20.83
N HIS A 109 6.72 22.19 20.25
CA HIS A 109 6.66 23.55 19.74
C HIS A 109 5.82 23.67 18.47
N PHE A 110 5.62 22.57 17.75
CA PHE A 110 4.73 22.61 16.59
C PHE A 110 3.30 22.95 17.01
N TYR A 111 2.83 22.36 18.10
CA TYR A 111 1.54 22.73 18.65
C TYR A 111 1.62 24.13 19.25
N HIS A 112 0.45 24.72 19.48
CA HIS A 112 0.33 26.17 19.65
C HIS A 112 1.12 26.67 20.86
N ARG A 113 1.67 27.88 20.72
CA ARG A 113 2.46 28.60 21.71
C ARG A 113 3.78 27.90 21.99
N ASP A 114 3.86 27.18 23.12
CA ASP A 114 5.09 26.65 23.68
C ASP A 114 6.09 27.80 23.79
N GLY A 115 7.17 27.76 23.02
CA GLY A 115 8.04 28.91 22.85
C GLY A 115 8.72 29.43 24.09
N ASP A 116 8.21 30.57 24.58
CA ASP A 116 8.74 31.19 25.79
C ASP A 116 8.54 30.28 27.00
N THR A 117 9.40 30.47 28.01
CA THR A 117 9.47 29.56 29.16
C THR A 117 8.25 29.63 30.06
N ALA A 118 7.35 30.59 29.86
CA ALA A 118 6.08 30.57 30.57
C ALA A 118 5.21 29.40 30.13
N GLN A 119 5.46 28.86 28.94
CA GLN A 119 4.83 27.63 28.48
C GLN A 119 5.87 26.60 28.03
N CYS A 120 7.13 26.75 28.44
CA CYS A 120 8.20 25.88 27.97
C CYS A 120 9.07 25.44 29.14
N LEU A 121 9.51 24.18 29.07
CA LEU A 121 10.33 23.42 30.01
C LEU A 121 9.60 22.99 31.28
N GLU A 122 8.43 23.56 31.58
CA GLU A 122 7.63 22.99 32.66
C GLU A 122 6.46 22.17 32.14
N ALA A 123 6.00 22.44 30.92
CA ALA A 123 5.14 21.49 30.24
C ALA A 123 5.87 20.16 30.02
N LEU A 124 7.18 20.24 29.77
CA LEU A 124 7.98 19.03 29.64
C LEU A 124 8.47 18.53 31.01
N ALA A 125 8.71 19.44 31.96
CA ALA A 125 9.24 19.03 33.26
C ALA A 125 8.18 18.34 34.12
N GLN A 126 6.95 18.86 34.11
CA GLN A 126 5.91 18.36 34.98
C GLN A 126 5.38 17.00 34.57
N ALA A 127 5.72 16.51 33.38
CA ALA A 127 5.37 15.15 32.97
C ALA A 127 6.46 14.14 33.26
N GLY A 128 7.54 14.55 33.92
CA GLY A 128 8.61 13.65 34.29
C GLY A 128 9.68 13.41 33.25
N LEU A 129 9.81 14.28 32.25
CA LEU A 129 10.80 14.13 31.20
C LEU A 129 11.82 15.26 31.28
N ALA A 130 12.25 15.57 32.50
CA ALA A 130 13.27 16.59 32.70
C ALA A 130 14.66 16.01 32.46
N GLY A 131 15.52 16.79 31.81
CA GLY A 131 16.87 16.36 31.52
C GLY A 131 17.05 15.65 30.19
N PHE A 132 15.99 15.43 29.44
CA PHE A 132 16.04 14.73 28.16
C PHE A 132 15.27 15.51 27.10
N GLU A 133 15.52 16.81 26.99
CA GLU A 133 14.73 17.65 26.10
C GLU A 133 15.24 17.57 24.66
N ASP A 134 16.54 17.76 24.46
CA ASP A 134 17.12 17.87 23.12
C ASP A 134 17.54 16.53 22.54
N ILE A 135 17.28 15.43 23.24
CA ILE A 135 17.62 14.09 22.77
C ILE A 135 16.70 13.73 21.61
N PRO A 136 17.16 12.98 20.61
CA PRO A 136 16.25 12.46 19.59
C PRO A 136 15.25 11.46 20.17
N VAL A 137 14.07 11.39 19.54
CA VAL A 137 13.00 10.52 20.00
C VAL A 137 13.36 9.05 19.80
N ASN A 138 14.06 8.71 18.71
CA ASN A 138 14.39 7.33 18.37
C ASN A 138 15.29 6.65 19.40
N GLN A 139 15.99 7.40 20.25
CA GLN A 139 16.80 6.84 21.31
C GLN A 139 16.11 6.94 22.67
N LEU A 140 14.78 6.88 22.66
CA LEU A 140 13.99 7.03 23.88
C LEU A 140 13.00 5.88 23.98
N SER A 141 12.55 5.60 25.20
CA SER A 141 11.58 4.54 25.41
C SER A 141 10.21 4.95 24.89
N ALA A 142 9.40 3.94 24.54
CA ALA A 142 8.05 4.21 24.02
C ALA A 142 7.14 4.79 25.09
N GLY A 143 7.38 4.45 26.36
CA GLY A 143 6.60 5.02 27.44
C GLY A 143 6.76 6.51 27.55
N GLN A 144 8.00 7.00 27.50
CA GLN A 144 8.23 8.44 27.51
C GLN A 144 7.95 9.09 26.16
N GLN A 145 7.95 8.32 25.07
CA GLN A 145 7.37 8.81 23.82
C GLN A 145 5.89 9.14 23.99
N ARG A 146 5.15 8.28 24.72
CA ARG A 146 3.77 8.60 25.04
C ARG A 146 3.68 9.71 26.08
N ARG A 147 4.67 9.81 26.97
CA ARG A 147 4.69 10.90 27.95
C ARG A 147 4.90 12.26 27.29
N VAL A 148 5.46 12.28 26.08
CA VAL A 148 5.50 13.52 25.30
C VAL A 148 4.08 13.99 24.97
N ALA A 149 3.26 13.08 24.45
CA ALA A 149 1.87 13.43 24.13
C ALA A 149 1.06 13.71 25.39
N LEU A 150 1.44 13.09 26.52
CA LEU A 150 0.81 13.45 27.79
C LEU A 150 1.27 14.83 28.27
N ALA A 151 2.52 15.20 27.99
CA ALA A 151 3.06 16.51 28.32
C ALA A 151 2.43 17.61 27.49
N ARG A 152 1.84 17.24 26.34
CA ARG A 152 1.07 18.21 25.56
C ARG A 152 -0.07 18.83 26.37
N LEU A 153 -0.61 18.10 27.35
CA LEU A 153 -1.79 18.55 28.08
C LEU A 153 -1.53 19.81 28.91
N TRP A 154 -0.29 19.99 29.40
CA TRP A 154 -0.01 21.10 30.31
C TRP A 154 0.02 22.46 29.62
N LEU A 155 0.27 22.51 28.31
CA LEU A 155 0.44 23.79 27.63
C LEU A 155 -0.67 24.08 26.61
N THR A 156 -1.79 23.38 26.72
CA THR A 156 -2.94 23.63 25.86
C THR A 156 -4.09 24.20 26.68
N ARG A 157 -4.97 24.94 26.00
CA ARG A 157 -6.13 25.54 26.63
C ARG A 157 -7.44 25.03 26.03
N ALA A 158 -7.44 23.82 25.48
CA ALA A 158 -8.65 23.24 24.93
C ALA A 158 -9.61 22.84 26.04
N THR A 159 -10.87 23.25 25.91
CA THR A 159 -11.86 22.94 26.94
C THR A 159 -12.22 21.45 26.94
N LEU A 160 -12.09 20.79 25.79
CA LEU A 160 -12.48 19.40 25.64
C LEU A 160 -11.24 18.52 25.43
N TRP A 161 -11.09 17.50 26.25
CA TRP A 161 -10.03 16.51 26.10
C TRP A 161 -10.67 15.17 25.77
N ILE A 162 -10.16 14.48 24.76
CA ILE A 162 -10.59 13.13 24.41
C ILE A 162 -9.34 12.27 24.36
N LEU A 163 -9.13 11.45 25.40
CA LEU A 163 -7.90 10.70 25.56
C LEU A 163 -8.17 9.20 25.49
N ASP A 164 -7.43 8.53 24.61
CA ASP A 164 -7.59 7.12 24.32
C ASP A 164 -6.33 6.43 24.82
N GLN A 165 -6.42 5.76 25.96
CA GLN A 165 -5.29 5.01 26.55
C GLN A 165 -4.12 5.80 27.13
N PRO A 166 -4.39 6.85 27.91
CA PRO A 166 -3.23 7.63 28.38
C PRO A 166 -2.31 6.84 29.27
N PHE A 167 -2.85 5.90 30.03
CA PHE A 167 -2.10 5.14 31.03
C PHE A 167 -1.62 3.86 30.36
N THR A 168 -0.73 4.00 29.38
CA THR A 168 -0.19 2.83 28.67
C THR A 168 1.32 2.97 28.65
N ALA A 169 2.02 1.97 29.17
CA ALA A 169 3.47 1.97 29.37
C ALA A 169 3.94 3.17 30.19
N ILE A 170 3.13 3.59 31.15
CA ILE A 170 3.42 4.76 31.99
C ILE A 170 3.89 4.27 33.35
N ASP A 171 4.91 4.91 33.90
CA ASP A 171 5.48 4.54 35.19
C ASP A 171 4.48 4.81 36.32
N VAL A 172 4.87 4.36 37.52
CA VAL A 172 3.97 4.40 38.67
C VAL A 172 3.68 5.83 39.09
N ASN A 173 4.70 6.70 39.09
CA ASN A 173 4.50 8.09 39.50
C ASN A 173 3.71 8.86 38.44
N GLY A 174 3.77 8.42 37.18
CA GLY A 174 3.09 9.12 36.11
C GLY A 174 1.58 9.13 36.24
N VAL A 175 1.01 8.06 36.80
CA VAL A 175 -0.43 7.98 37.01
C VAL A 175 -0.90 9.07 37.97
N ASP A 176 -0.22 9.19 39.13
CA ASP A 176 -0.58 10.22 40.09
C ASP A 176 -0.26 11.61 39.58
N ARG A 177 0.79 11.73 38.77
CA ARG A 177 1.11 13.03 38.18
C ARG A 177 0.06 13.45 37.17
N LEU A 178 -0.52 12.50 36.44
CA LEU A 178 -1.47 12.83 35.40
C LEU A 178 -2.85 13.11 35.98
N THR A 179 -3.28 12.32 36.97
CA THR A 179 -4.66 12.39 37.47
C THR A 179 -4.95 13.73 38.14
N GLN A 180 -3.98 14.27 38.89
CA GLN A 180 -4.16 15.57 39.51
C GLN A 180 -4.36 16.66 38.45
N ARG A 181 -3.55 16.64 37.39
CA ARG A 181 -3.66 17.64 36.34
C ARG A 181 -4.98 17.54 35.59
N MET A 182 -5.46 16.32 35.35
CA MET A 182 -6.78 16.18 34.74
C MET A 182 -7.88 16.67 35.67
N ALA A 183 -7.70 16.51 36.98
CA ALA A 183 -8.66 17.09 37.92
C ALA A 183 -8.66 18.62 37.84
N GLN A 184 -7.48 19.25 37.87
CA GLN A 184 -7.41 20.70 37.78
C GLN A 184 -7.89 21.21 36.43
N HIS A 185 -7.87 20.37 35.40
CA HIS A 185 -8.63 20.70 34.21
C HIS A 185 -10.13 20.55 34.44
N THR A 186 -10.52 19.61 35.31
CA THR A 186 -11.93 19.23 35.40
C THR A 186 -12.78 20.27 36.13
N GLU A 187 -12.25 21.01 37.12
CA GLU A 187 -13.16 21.92 37.86
C GLU A 187 -13.71 23.03 36.97
N GLN A 188 -12.85 23.76 36.26
CA GLN A 188 -13.29 24.97 35.56
C GLN A 188 -13.87 24.67 34.16
N GLY A 189 -14.86 23.79 34.17
CA GLY A 189 -15.59 23.48 32.94
C GLY A 189 -14.77 22.74 31.90
N GLY A 190 -13.91 21.84 32.32
CA GLY A 190 -13.13 21.05 31.39
C GLY A 190 -13.65 19.64 31.25
N ILE A 191 -14.22 19.32 30.10
CA ILE A 191 -14.82 18.02 29.86
C ILE A 191 -13.74 17.07 29.35
N VAL A 192 -13.54 15.97 30.06
CA VAL A 192 -12.55 14.97 29.68
C VAL A 192 -13.29 13.66 29.40
N ILE A 193 -12.93 13.02 28.29
CA ILE A 193 -13.50 11.72 27.90
C ILE A 193 -12.35 10.74 27.82
N LEU A 194 -12.33 9.80 28.75
CA LEU A 194 -11.16 8.96 29.00
C LEU A 194 -11.46 7.52 28.61
N THR A 195 -10.44 6.83 28.11
CA THR A 195 -10.47 5.38 27.99
C THR A 195 -9.21 4.80 28.62
N THR A 196 -9.38 3.82 29.50
CA THR A 196 -8.24 3.17 30.15
C THR A 196 -8.56 1.71 30.43
N HIS A 197 -7.54 1.01 30.89
CA HIS A 197 -7.69 -0.32 31.49
C HIS A 197 -7.18 -0.39 32.92
N GLN A 198 -6.25 0.48 33.30
CA GLN A 198 -5.79 0.52 34.68
C GLN A 198 -6.86 1.12 35.57
N PRO A 199 -7.01 0.64 36.81
CA PRO A 199 -7.91 1.30 37.75
C PRO A 199 -7.35 2.64 38.20
N LEU A 200 -8.26 3.55 38.53
CA LEU A 200 -7.90 4.89 38.98
C LEU A 200 -8.15 4.98 40.49
N ASN A 201 -7.31 5.74 41.19
CA ASN A 201 -7.47 5.99 42.62
C ASN A 201 -8.42 7.17 42.87
N VAL A 202 -9.57 7.11 42.20
CA VAL A 202 -10.56 8.18 42.19
C VAL A 202 -11.88 7.62 42.68
N ALA A 203 -12.56 8.38 43.54
CA ALA A 203 -13.87 7.98 44.03
C ALA A 203 -14.90 7.93 42.91
N GLU A 204 -15.91 7.08 43.09
CA GLU A 204 -16.88 6.81 42.03
C GLU A 204 -17.79 8.00 41.79
N SER A 205 -18.02 8.83 42.82
CA SER A 205 -19.03 9.88 42.74
C SER A 205 -18.68 10.96 41.72
N LYS A 206 -17.40 11.34 41.65
CA LYS A 206 -17.03 12.48 40.81
C LYS A 206 -16.80 12.07 39.36
N ILE A 207 -16.76 10.77 39.08
CA ILE A 207 -16.56 10.28 37.71
C ILE A 207 -17.86 9.68 37.20
N ARG A 208 -18.25 10.05 35.99
CA ARG A 208 -19.43 9.49 35.35
C ARG A 208 -19.03 8.24 34.55
N ARG A 209 -19.97 7.32 34.40
CA ARG A 209 -19.76 6.11 33.62
C ARG A 209 -20.82 6.02 32.54
N ILE A 210 -20.40 6.08 31.28
CA ILE A 210 -21.25 5.82 30.13
C ILE A 210 -20.78 4.50 29.51
N SER A 211 -21.67 3.52 29.45
CA SER A 211 -21.30 2.16 29.13
C SER A 211 -21.69 1.81 27.70
N LEU A 212 -20.81 1.08 27.02
CA LEU A 212 -21.13 0.48 25.74
C LEU A 212 -22.07 -0.70 25.98
N THR A 213 -23.37 -0.44 25.86
CA THR A 213 -24.39 -1.44 26.25
C THR A 213 -24.40 -2.58 25.24
N GLN A 214 -23.81 -3.71 25.64
CA GLN A 214 -23.80 -4.96 24.87
C GLN A 214 -23.22 -4.79 23.47
N MET B 2 -0.44 29.18 10.32
CA MET B 2 0.06 27.84 10.59
C MET B 2 0.42 27.14 9.28
N PHE B 3 -0.02 27.72 8.17
CA PHE B 3 0.29 27.19 6.84
C PHE B 3 1.79 27.19 6.61
N TRP B 4 2.44 28.32 6.86
CA TRP B 4 3.90 28.38 6.78
C TRP B 4 4.55 27.56 7.89
N ARG B 5 3.86 27.36 9.02
CA ARG B 5 4.41 26.52 10.08
C ARG B 5 4.45 25.05 9.67
N ILE B 6 3.38 24.58 9.02
CA ILE B 6 3.37 23.23 8.45
C ILE B 6 4.43 23.10 7.36
N PHE B 7 4.58 24.16 6.55
CA PHE B 7 5.61 24.19 5.52
C PHE B 7 7.00 24.04 6.13
N ARG B 8 7.27 24.79 7.21
CA ARG B 8 8.57 24.75 7.87
C ARG B 8 8.83 23.40 8.51
N LEU B 9 7.81 22.82 9.16
CA LEU B 9 7.99 21.50 9.77
C LEU B 9 8.26 20.44 8.71
N GLU B 10 7.54 20.48 7.58
CA GLU B 10 7.75 19.49 6.54
C GLU B 10 9.13 19.63 5.92
N LEU B 11 9.59 20.86 5.71
CA LEU B 11 10.94 21.08 5.20
C LEU B 11 11.99 20.58 6.19
N ARG B 12 11.79 20.85 7.48
CA ARG B 12 12.77 20.43 8.49
C ARG B 12 12.82 18.92 8.62
N VAL B 13 11.66 18.25 8.59
CA VAL B 13 11.65 16.81 8.77
C VAL B 13 12.13 16.11 7.50
N ALA B 14 11.98 16.75 6.34
CA ALA B 14 12.52 16.19 5.11
C ALA B 14 14.02 16.38 5.02
N PHE B 15 14.52 17.48 5.58
CA PHE B 15 15.95 17.77 5.51
C PHE B 15 16.74 17.11 6.65
N ARG B 16 16.07 16.69 7.72
CA ARG B 16 16.76 16.09 8.85
C ARG B 16 17.42 14.77 8.47
N HIS B 17 16.76 13.97 7.64
CA HIS B 17 17.36 12.79 7.04
C HIS B 17 17.72 13.17 5.61
N SER B 18 18.66 12.45 5.00
CA SER B 18 18.98 12.66 3.60
C SER B 18 19.27 11.35 2.87
N ALA B 19 18.92 10.22 3.47
CA ALA B 19 19.12 8.93 2.81
C ALA B 19 18.09 8.72 1.71
N GLU B 20 16.84 9.08 1.97
CA GLU B 20 15.78 8.77 1.01
C GLU B 20 15.60 9.86 -0.04
N ILE B 21 16.26 11.00 0.12
CA ILE B 21 16.20 12.03 -0.92
C ILE B 21 17.30 11.83 -1.95
N ALA B 22 18.30 11.00 -1.64
CA ALA B 22 19.44 10.82 -2.55
C ALA B 22 19.13 9.77 -3.61
N ASN B 23 18.22 8.84 -3.32
CA ASN B 23 17.87 7.82 -4.31
C ASN B 23 17.29 8.38 -5.61
N PRO B 24 16.32 9.31 -5.62
CA PRO B 24 15.80 9.77 -6.92
C PRO B 24 16.77 10.63 -7.71
N LEU B 25 17.62 11.41 -7.05
CA LEU B 25 18.56 12.27 -7.77
C LEU B 25 19.62 11.44 -8.48
N TRP B 26 20.20 10.46 -7.78
CA TRP B 26 21.10 9.52 -8.43
C TRP B 26 20.39 8.60 -9.41
N PHE B 27 19.08 8.36 -9.28
CA PHE B 27 18.37 7.66 -10.35
C PHE B 27 18.31 8.51 -11.62
N PHE B 28 18.03 9.81 -11.48
CA PHE B 28 18.08 10.73 -12.61
C PHE B 28 19.46 10.75 -13.24
N LEU B 29 20.49 10.84 -12.40
CA LEU B 29 21.87 10.88 -12.88
C LEU B 29 22.26 9.59 -13.58
N ILE B 30 21.81 8.44 -13.06
CA ILE B 30 22.21 7.17 -13.66
C ILE B 30 21.49 6.94 -14.98
N VAL B 31 20.26 7.42 -15.13
CA VAL B 31 19.57 7.30 -16.42
C VAL B 31 20.25 8.19 -17.47
N ILE B 32 20.58 9.43 -17.08
CA ILE B 32 21.23 10.36 -18.03
C ILE B 32 22.63 9.87 -18.40
N THR B 33 23.37 9.34 -17.43
CA THR B 33 24.69 8.79 -17.74
C THR B 33 24.55 7.47 -18.51
N LEU B 34 23.40 6.82 -18.36
CA LEU B 34 23.22 5.46 -18.88
C LEU B 34 22.99 5.46 -20.38
N PHE B 35 22.03 6.26 -20.85
CA PHE B 35 21.58 6.11 -22.24
C PHE B 35 22.62 6.43 -23.31
N PRO B 36 23.37 7.56 -23.27
CA PRO B 36 24.33 7.82 -24.37
C PRO B 36 25.44 6.78 -24.53
N LEU B 37 25.92 6.18 -23.44
CA LEU B 37 26.99 5.19 -23.58
C LEU B 37 26.47 3.90 -24.20
N SER B 38 25.23 3.52 -23.86
CA SER B 38 24.65 2.30 -24.41
C SER B 38 24.23 2.49 -25.86
N ILE B 39 23.66 3.66 -26.19
CA ILE B 39 23.14 3.89 -27.53
C ILE B 39 24.28 4.05 -28.52
N GLY B 40 25.24 4.92 -28.22
CA GLY B 40 26.34 5.18 -29.10
C GLY B 40 26.67 6.65 -29.23
N PRO B 41 27.88 6.96 -29.67
CA PRO B 41 28.32 8.37 -29.78
C PRO B 41 28.02 9.07 -31.10
N GLU B 42 27.13 8.54 -31.94
CA GLU B 42 26.76 9.25 -33.17
C GLU B 42 25.93 10.48 -32.81
N PRO B 43 26.37 11.68 -33.21
CA PRO B 43 25.70 12.90 -32.75
C PRO B 43 24.35 13.15 -33.40
N GLN B 44 24.01 12.44 -34.48
CA GLN B 44 22.74 12.69 -35.15
C GLN B 44 21.56 12.16 -34.36
N LEU B 45 21.80 11.24 -33.42
CA LEU B 45 20.74 10.62 -32.65
C LEU B 45 20.46 11.35 -31.33
N LEU B 46 21.53 11.80 -30.66
CA LEU B 46 21.42 12.30 -29.29
C LEU B 46 20.55 13.55 -29.20
N ALA B 47 20.69 14.46 -30.17
CA ALA B 47 19.99 15.74 -30.13
C ALA B 47 18.48 15.56 -30.23
N ARG B 48 18.03 14.45 -30.82
CA ARG B 48 16.60 14.19 -30.89
C ARG B 48 16.13 13.23 -29.82
N ILE B 49 17.03 12.39 -29.29
CA ILE B 49 16.54 11.38 -28.35
C ILE B 49 16.58 11.90 -26.90
N ALA B 50 17.50 12.82 -26.59
CA ALA B 50 17.65 13.31 -25.22
C ALA B 50 16.47 14.12 -24.68
N PRO B 51 15.68 14.83 -25.52
CA PRO B 51 14.41 15.40 -25.01
C PRO B 51 13.47 14.41 -24.34
N GLY B 52 13.31 13.20 -24.89
CA GLY B 52 12.55 12.19 -24.18
C GLY B 52 13.27 11.70 -22.94
N ILE B 53 14.59 11.58 -23.03
CA ILE B 53 15.38 10.94 -21.98
C ILE B 53 15.33 11.75 -20.69
N ILE B 54 15.55 13.07 -20.79
CA ILE B 54 15.60 13.92 -19.60
C ILE B 54 14.25 13.96 -18.90
N TRP B 55 13.18 14.12 -19.68
CA TRP B 55 11.85 14.24 -19.10
C TRP B 55 11.36 12.94 -18.49
N VAL B 56 11.61 11.80 -19.14
CA VAL B 56 11.15 10.55 -18.54
C VAL B 56 12.03 10.17 -17.36
N ALA B 57 13.31 10.56 -17.38
CA ALA B 57 14.16 10.37 -16.22
C ALA B 57 13.65 11.17 -15.02
N ALA B 58 13.24 12.41 -15.24
CA ALA B 58 12.63 13.20 -14.17
C ALA B 58 11.32 12.59 -13.71
N LEU B 59 10.52 12.08 -14.65
CA LEU B 59 9.26 11.42 -14.34
C LEU B 59 9.46 10.22 -13.41
N LEU B 60 10.35 9.31 -13.78
CA LEU B 60 10.56 8.11 -12.98
C LEU B 60 11.28 8.43 -11.68
N SER B 61 12.15 9.44 -11.67
CA SER B 61 12.77 9.89 -10.44
C SER B 61 11.73 10.42 -9.45
N SER B 62 10.77 11.21 -9.94
CA SER B 62 9.77 11.76 -9.04
C SER B 62 8.76 10.71 -8.60
N LEU B 63 8.45 9.72 -9.44
CA LEU B 63 7.65 8.59 -8.97
C LEU B 63 8.38 7.74 -7.94
N LEU B 64 9.71 7.69 -8.03
CA LEU B 64 10.46 7.04 -6.95
C LEU B 64 10.45 7.88 -5.68
N ALA B 65 10.44 9.21 -5.82
CA ALA B 65 10.41 10.12 -4.68
C ALA B 65 9.05 10.25 -4.01
N LEU B 66 7.97 9.98 -4.73
CA LEU B 66 6.61 10.33 -4.31
C LEU B 66 6.11 9.57 -3.10
N GLU B 67 6.77 8.48 -2.69
CA GLU B 67 6.23 7.62 -1.64
C GLU B 67 6.39 8.23 -0.26
N ARG B 68 7.27 9.22 -0.11
CA ARG B 68 7.55 9.79 1.20
C ARG B 68 6.45 10.73 1.68
N LEU B 69 5.53 11.11 0.79
CA LEU B 69 4.67 12.26 1.04
C LEU B 69 3.65 12.02 2.17
N PHE B 70 3.05 10.82 2.22
CA PHE B 70 2.08 10.53 3.27
C PHE B 70 2.28 9.21 3.99
N ARG B 71 3.29 8.42 3.61
CA ARG B 71 3.40 7.05 4.14
C ARG B 71 3.86 7.04 5.59
N ASP B 72 4.88 7.84 5.92
CA ASP B 72 5.50 7.74 7.23
C ASP B 72 4.64 8.37 8.32
N ASP B 73 3.73 9.26 7.96
CA ASP B 73 2.95 9.99 8.96
C ASP B 73 1.86 9.15 9.60
N LEU B 74 1.46 8.04 8.97
CA LEU B 74 0.40 7.20 9.54
C LEU B 74 0.91 6.43 10.75
N GLN B 75 2.10 5.83 10.65
CA GLN B 75 2.65 5.09 11.77
C GLN B 75 3.15 6.01 12.88
N ASP B 76 3.37 7.28 12.57
CA ASP B 76 3.70 8.27 13.59
C ASP B 76 2.46 8.96 14.16
N GLY B 77 1.28 8.70 13.61
CA GLY B 77 0.08 9.35 14.06
C GLY B 77 -0.03 10.81 13.68
N SER B 78 0.78 11.28 12.73
CA SER B 78 0.79 12.69 12.38
C SER B 78 -0.45 13.08 11.57
N LEU B 79 -0.97 12.17 10.76
CA LEU B 79 -2.15 12.49 9.94
C LEU B 79 -3.37 12.73 10.81
N GLU B 80 -3.52 11.96 11.89
CA GLU B 80 -4.66 12.08 12.79
C GLU B 80 -4.66 13.39 13.57
N GLN B 81 -3.57 14.15 13.52
CA GLN B 81 -3.51 15.46 14.16
C GLN B 81 -3.52 16.54 13.10
N LEU B 82 -2.98 16.23 11.92
CA LEU B 82 -2.99 17.21 10.83
C LEU B 82 -4.38 17.36 10.20
N MET B 83 -5.24 16.34 10.33
CA MET B 83 -6.64 16.57 9.99
C MET B 83 -7.39 17.33 11.07
N LEU B 84 -6.77 17.55 12.22
CA LEU B 84 -7.43 18.12 13.39
C LEU B 84 -7.07 19.59 13.59
N LEU B 85 -6.17 20.13 12.77
CA LEU B 85 -5.74 21.51 12.92
C LEU B 85 -6.86 22.48 12.54
N PRO B 86 -6.87 23.71 13.14
CA PRO B 86 -7.85 24.74 12.76
C PRO B 86 -7.57 25.39 11.41
N LEU B 87 -7.54 24.58 10.36
CA LEU B 87 -7.29 24.98 8.99
C LEU B 87 -7.90 23.88 8.15
N PRO B 88 -8.56 24.22 7.03
CA PRO B 88 -9.10 23.16 6.15
C PRO B 88 -8.00 22.27 5.59
N LEU B 89 -8.34 20.99 5.45
CA LEU B 89 -7.39 19.98 4.98
C LEU B 89 -6.76 20.24 3.61
N PRO B 90 -7.46 20.75 2.57
CA PRO B 90 -6.75 21.01 1.30
C PRO B 90 -5.60 22.01 1.41
N ALA B 91 -5.69 23.00 2.30
CA ALA B 91 -4.56 23.91 2.49
C ALA B 91 -3.35 23.19 3.06
N VAL B 92 -3.57 22.29 4.02
CA VAL B 92 -2.47 21.50 4.59
C VAL B 92 -1.88 20.58 3.55
N VAL B 93 -2.73 19.97 2.72
CA VAL B 93 -2.26 19.12 1.63
C VAL B 93 -1.42 19.92 0.64
N LEU B 94 -1.87 21.13 0.31
CA LEU B 94 -1.10 22.01 -0.58
C LEU B 94 0.25 22.36 0.02
N ALA B 95 0.30 22.63 1.32
CA ALA B 95 1.57 22.93 1.98
C ALA B 95 2.52 21.73 1.91
N LYS B 96 1.99 20.54 2.20
CA LYS B 96 2.85 19.35 2.22
C LYS B 96 3.36 19.01 0.81
N VAL B 97 2.51 19.16 -0.20
CA VAL B 97 2.96 18.88 -1.58
C VAL B 97 3.94 19.94 -2.05
N MET B 98 3.76 21.19 -1.62
CA MET B 98 4.73 22.23 -1.96
C MET B 98 6.10 21.95 -1.33
N ALA B 99 6.11 21.49 -0.08
CA ALA B 99 7.36 21.10 0.56
C ALA B 99 7.98 19.90 -0.14
N HIS B 100 7.14 18.95 -0.56
CA HIS B 100 7.63 17.80 -1.31
C HIS B 100 8.23 18.21 -2.65
N TRP B 101 7.69 19.26 -3.26
CA TRP B 101 8.29 19.77 -4.49
C TRP B 101 9.64 20.43 -4.21
N MET B 102 9.72 21.26 -3.16
CA MET B 102 10.97 21.97 -2.93
C MET B 102 12.04 21.07 -2.30
N VAL B 103 11.69 19.83 -1.90
CA VAL B 103 12.74 18.98 -1.34
C VAL B 103 13.38 18.12 -2.44
N THR B 104 12.64 17.78 -3.49
CA THR B 104 13.22 16.91 -4.52
C THR B 104 13.01 17.41 -5.94
N GLY B 105 11.99 18.23 -6.20
CA GLY B 105 11.79 18.74 -7.54
C GLY B 105 12.64 19.96 -7.83
N LEU B 106 12.85 20.81 -6.82
CA LEU B 106 13.71 21.98 -6.98
C LEU B 106 15.17 21.67 -7.31
N PRO B 107 15.87 20.69 -6.69
CA PRO B 107 17.27 20.45 -7.08
C PRO B 107 17.45 19.97 -8.52
N LEU B 108 16.40 19.52 -9.21
CA LEU B 108 16.53 19.22 -10.63
C LEU B 108 16.89 20.46 -11.44
N LEU B 109 16.28 21.60 -11.10
CA LEU B 109 16.62 22.85 -11.77
C LEU B 109 18.04 23.29 -11.46
N ILE B 110 18.50 23.05 -10.24
CA ILE B 110 19.87 23.39 -9.86
C ILE B 110 20.87 22.52 -10.62
N LEU B 111 20.54 21.23 -10.76
CA LEU B 111 21.40 20.29 -11.48
C LEU B 111 21.28 20.43 -12.99
N SER B 112 20.29 21.18 -13.49
CA SER B 112 20.10 21.34 -14.92
C SER B 112 21.29 21.89 -15.71
N PRO B 113 22.04 22.91 -15.24
CA PRO B 113 23.28 23.26 -15.97
C PRO B 113 24.29 22.14 -16.05
N LEU B 114 24.35 21.28 -15.04
CA LEU B 114 25.28 20.15 -15.10
C LEU B 114 24.80 19.08 -16.07
N VAL B 115 23.49 18.78 -16.06
CA VAL B 115 22.99 17.69 -16.90
C VAL B 115 22.96 18.13 -18.36
N ALA B 116 22.95 19.44 -18.62
CA ALA B 116 23.04 19.92 -19.99
C ALA B 116 24.41 19.64 -20.60
N MET B 117 25.45 19.55 -19.77
CA MET B 117 26.81 19.37 -20.29
C MET B 117 27.05 17.97 -20.86
N LEU B 118 26.48 16.95 -20.23
CA LEU B 118 26.82 15.57 -20.61
C LEU B 118 26.25 15.19 -21.97
N LEU B 119 25.19 15.85 -22.42
CA LEU B 119 24.46 15.45 -23.61
C LEU B 119 24.29 16.58 -24.62
N GLY B 120 25.15 17.58 -24.58
CA GLY B 120 25.23 18.54 -25.67
C GLY B 120 24.37 19.77 -25.44
N MET B 121 23.44 20.00 -26.37
CA MET B 121 22.48 21.11 -26.37
C MET B 121 23.14 22.50 -26.41
N ASP B 122 22.31 23.53 -26.37
CA ASP B 122 22.74 24.92 -26.42
C ASP B 122 22.16 25.67 -25.23
N VAL B 123 22.44 26.97 -25.16
CA VAL B 123 21.97 27.79 -24.04
C VAL B 123 20.45 27.97 -24.12
N TYR B 124 19.90 28.11 -25.33
CA TYR B 124 18.45 28.22 -25.48
C TYR B 124 17.75 26.94 -25.06
N GLY B 125 18.33 25.79 -25.40
CA GLY B 125 17.78 24.53 -24.96
C GLY B 125 17.79 24.39 -23.45
N TRP B 126 18.88 24.82 -22.81
CA TRP B 126 18.94 24.81 -21.35
C TRP B 126 17.88 25.70 -20.73
N GLN B 127 17.70 26.91 -21.29
CA GLN B 127 16.73 27.84 -20.74
C GLN B 127 15.30 27.29 -20.85
N VAL B 128 14.96 26.78 -22.04
CA VAL B 128 13.62 26.23 -22.25
C VAL B 128 13.39 25.01 -21.37
N MET B 129 14.39 24.11 -21.30
CA MET B 129 14.25 22.89 -20.51
C MET B 129 14.13 23.18 -19.02
N ALA B 130 14.90 24.14 -18.51
CA ALA B 130 14.82 24.52 -17.11
C ALA B 130 13.49 25.17 -16.77
N LEU B 131 13.00 26.05 -17.65
CA LEU B 131 11.74 26.73 -17.36
C LEU B 131 10.57 25.76 -17.46
N THR B 132 10.65 24.79 -18.38
CA THR B 132 9.60 23.78 -18.46
C THR B 132 9.65 22.82 -17.28
N LEU B 133 10.85 22.54 -16.75
CA LEU B 133 10.94 21.77 -15.51
C LEU B 133 10.28 22.52 -14.36
N LEU B 134 10.53 23.84 -14.27
CA LEU B 134 9.91 24.67 -13.25
C LEU B 134 8.39 24.64 -13.36
N LEU B 135 7.87 24.68 -14.59
CA LEU B 135 6.42 24.71 -14.75
C LEU B 135 5.83 23.29 -14.72
N GLY B 136 6.67 22.26 -14.77
CA GLY B 136 6.15 20.91 -14.90
C GLY B 136 6.18 20.10 -13.62
N THR B 137 7.16 20.37 -12.74
CA THR B 137 7.28 19.49 -11.57
C THR B 137 6.19 19.73 -10.51
N PRO B 138 5.74 21.01 -10.23
CA PRO B 138 4.54 21.16 -9.40
C PRO B 138 3.30 20.45 -9.94
N THR B 139 3.17 20.44 -11.28
CA THR B 139 2.06 19.74 -11.92
C THR B 139 2.13 18.24 -11.63
N LEU B 140 3.34 17.67 -11.70
CA LEU B 140 3.52 16.25 -11.42
C LEU B 140 3.19 15.96 -9.96
N GLY B 141 3.65 16.81 -9.05
CA GLY B 141 3.36 16.59 -7.64
C GLY B 141 1.87 16.67 -7.33
N PHE B 142 1.17 17.62 -7.96
CA PHE B 142 -0.27 17.75 -7.77
C PHE B 142 -1.01 16.54 -8.32
N LEU B 143 -0.59 16.05 -9.50
CA LEU B 143 -1.24 14.86 -10.06
C LEU B 143 -0.89 13.59 -9.29
N GLY B 144 0.25 13.57 -8.60
CA GLY B 144 0.63 12.38 -7.87
C GLY B 144 0.13 12.35 -6.44
N ALA B 145 -0.31 13.50 -5.93
CA ALA B 145 -0.90 13.56 -4.59
C ALA B 145 -2.11 12.63 -4.37
N PRO B 146 -3.12 12.56 -5.25
CA PRO B 146 -4.27 11.68 -4.93
C PRO B 146 -3.92 10.20 -4.94
N GLY B 147 -2.94 9.77 -5.73
CA GLY B 147 -2.53 8.37 -5.70
C GLY B 147 -1.94 7.98 -4.35
N VAL B 148 -1.04 8.81 -3.83
CA VAL B 148 -0.48 8.57 -2.51
C VAL B 148 -1.57 8.66 -1.45
N ALA B 149 -2.50 9.61 -1.59
CA ALA B 149 -3.58 9.74 -0.62
C ALA B 149 -4.49 8.52 -0.61
N LEU B 150 -4.75 7.93 -1.78
CA LEU B 150 -5.51 6.68 -1.83
C LEU B 150 -4.69 5.51 -1.27
N THR B 151 -3.37 5.57 -1.37
CA THR B 151 -2.51 4.48 -0.90
C THR B 151 -1.82 4.85 0.43
N VAL B 152 -2.54 5.49 1.34
CA VAL B 152 -1.98 5.75 2.68
C VAL B 152 -2.14 4.53 3.57
N GLY B 153 -3.38 4.11 3.80
CA GLY B 153 -3.64 3.08 4.80
C GLY B 153 -3.14 1.72 4.41
N LEU B 154 -2.97 1.47 3.11
CA LEU B 154 -2.44 0.19 2.66
C LEU B 154 -0.95 0.09 2.95
N LYS B 155 -0.48 -1.13 3.19
CA LYS B 155 0.93 -1.39 3.37
C LYS B 155 1.71 -1.23 2.07
N ARG B 156 1.06 -1.37 0.92
CA ARG B 156 1.76 -1.46 -0.36
C ARG B 156 2.42 -0.14 -0.73
N GLY B 157 3.72 -0.20 -1.01
CA GLY B 157 4.50 0.93 -1.46
C GLY B 157 5.22 0.63 -2.76
N GLY B 158 4.52 0.02 -3.72
CA GLY B 158 5.18 -0.46 -4.91
C GLY B 158 4.59 0.00 -6.23
N VAL B 159 4.21 -0.97 -7.07
CA VAL B 159 3.85 -0.69 -8.45
C VAL B 159 2.47 -0.04 -8.56
N LEU B 160 1.63 -0.17 -7.54
CA LEU B 160 0.26 0.31 -7.62
C LEU B 160 0.20 1.83 -7.69
N LEU B 161 1.08 2.50 -6.94
CA LEU B 161 1.14 3.96 -6.97
C LEU B 161 1.52 4.48 -8.34
N SER B 162 2.53 3.87 -8.96
CA SER B 162 2.94 4.26 -10.30
C SER B 162 1.85 3.97 -11.33
N ILE B 163 1.14 2.86 -11.16
CA ILE B 163 0.02 2.53 -12.04
C ILE B 163 -1.09 3.57 -11.93
N LEU B 164 -1.37 4.03 -10.71
CA LEU B 164 -2.39 5.07 -10.56
C LEU B 164 -1.92 6.43 -11.08
N VAL B 165 -0.62 6.73 -11.01
CA VAL B 165 -0.17 8.09 -11.31
C VAL B 165 0.14 8.28 -12.79
N LEU B 166 0.93 7.38 -13.41
CA LEU B 166 1.54 7.67 -14.71
C LEU B 166 0.55 7.89 -15.86
N PRO B 167 -0.55 7.12 -16.02
CA PRO B 167 -1.53 7.49 -17.05
C PRO B 167 -2.12 8.88 -16.88
N LEU B 168 -2.25 9.36 -15.64
CA LEU B 168 -2.67 10.73 -15.43
C LEU B 168 -1.57 11.72 -15.81
N THR B 169 -0.33 11.25 -15.87
CA THR B 169 0.82 12.15 -16.01
C THR B 169 1.34 12.20 -17.45
N ILE B 170 0.85 11.31 -18.32
CA ILE B 170 1.24 11.29 -19.74
C ILE B 170 1.14 12.62 -20.48
N PRO B 171 0.00 13.44 -20.39
CA PRO B 171 -0.07 14.67 -21.20
C PRO B 171 1.04 15.68 -20.91
N LEU B 172 1.47 15.76 -19.65
CA LEU B 172 2.60 16.63 -19.30
C LEU B 172 3.86 16.20 -20.03
N LEU B 173 4.12 14.90 -20.07
CA LEU B 173 5.30 14.37 -20.77
C LEU B 173 5.22 14.66 -22.26
N ILE B 174 4.04 14.45 -22.86
CA ILE B 174 3.85 14.68 -24.29
C ILE B 174 4.13 16.14 -24.64
N PHE B 175 3.50 17.06 -23.89
CA PHE B 175 3.62 18.48 -24.20
C PHE B 175 5.03 18.98 -23.94
N ALA B 176 5.67 18.55 -22.85
CA ALA B 176 7.01 19.02 -22.55
C ALA B 176 8.03 18.51 -23.56
N THR B 177 7.95 17.22 -23.93
CA THR B 177 8.88 16.67 -24.91
C THR B 177 8.70 17.32 -26.27
N ALA B 178 7.44 17.49 -26.71
CA ALA B 178 7.21 18.17 -27.99
C ALA B 178 7.68 19.61 -27.95
N ALA B 179 7.48 20.30 -26.82
CA ALA B 179 7.86 21.70 -26.70
C ALA B 179 9.37 21.87 -26.81
N MET B 180 10.13 21.10 -26.03
CA MET B 180 11.56 21.35 -26.06
C MET B 180 12.23 20.68 -27.26
N ASP B 181 11.61 19.67 -27.86
CA ASP B 181 12.06 19.16 -29.15
C ASP B 181 11.89 20.22 -30.24
N ALA B 182 10.77 20.95 -30.22
CA ALA B 182 10.59 22.07 -31.15
C ALA B 182 11.56 23.21 -30.82
N ALA B 183 11.88 23.38 -29.54
CA ALA B 183 12.83 24.41 -29.14
C ALA B 183 14.24 24.07 -29.59
N SER B 184 14.54 22.79 -29.82
CA SER B 184 15.82 22.42 -30.41
C SER B 184 15.92 22.88 -31.86
N MET B 185 14.78 23.07 -32.53
CA MET B 185 14.75 23.52 -33.92
C MET B 185 14.73 25.04 -34.05
N HIS B 186 14.99 25.78 -32.96
CA HIS B 186 15.05 27.24 -32.91
C HIS B 186 13.72 27.90 -33.28
N LEU B 187 12.62 27.14 -33.21
CA LEU B 187 11.28 27.66 -33.38
C LEU B 187 10.74 28.18 -32.05
N PRO B 188 9.97 29.27 -32.05
CA PRO B 188 9.35 29.73 -30.81
C PRO B 188 8.34 28.71 -30.29
N VAL B 189 8.35 28.53 -28.96
CA VAL B 189 7.60 27.47 -28.30
C VAL B 189 6.70 28.05 -27.21
N ASP B 190 6.27 29.30 -27.40
CA ASP B 190 5.50 29.98 -26.36
C ASP B 190 4.10 29.38 -26.19
N GLY B 191 3.50 28.89 -27.26
CA GLY B 191 2.16 28.30 -27.16
C GLY B 191 2.14 27.03 -26.33
N TYR B 192 3.12 26.16 -26.53
CA TYR B 192 3.23 24.96 -25.71
C TYR B 192 3.50 25.30 -24.26
N LEU B 193 4.25 26.39 -24.03
CA LEU B 193 4.49 26.86 -22.68
C LEU B 193 3.18 27.34 -22.03
N ALA B 194 2.34 28.01 -22.80
CA ALA B 194 1.03 28.43 -22.29
C ALA B 194 0.14 27.22 -21.99
N ILE B 195 0.24 26.18 -22.83
CA ILE B 195 -0.50 24.95 -22.57
C ILE B 195 -0.03 24.30 -21.26
N LEU B 196 1.28 24.28 -21.02
CA LEU B 196 1.82 23.74 -19.77
C LEU B 196 1.36 24.57 -18.57
N GLY B 197 1.32 25.90 -18.74
CA GLY B 197 0.83 26.75 -17.66
C GLY B 197 -0.64 26.55 -17.37
N ALA B 198 -1.46 26.35 -18.41
CA ALA B 198 -2.87 26.03 -18.19
C ALA B 198 -3.03 24.67 -17.50
N LEU B 199 -2.15 23.72 -17.83
CA LEU B 199 -2.16 22.43 -17.15
C LEU B 199 -1.84 22.59 -15.66
N LEU B 200 -0.84 23.42 -15.34
CA LEU B 200 -0.50 23.67 -13.95
C LEU B 200 -1.65 24.35 -13.21
N ALA B 201 -2.31 25.30 -13.88
CA ALA B 201 -3.46 25.98 -13.27
C ALA B 201 -4.59 25.00 -13.00
N GLY B 202 -4.85 24.09 -13.93
CA GLY B 202 -5.89 23.09 -13.72
C GLY B 202 -5.57 22.13 -12.59
N THR B 203 -4.31 21.68 -12.50
CA THR B 203 -3.92 20.82 -11.40
C THR B 203 -4.01 21.54 -10.06
N ALA B 204 -3.56 22.79 -10.00
CA ALA B 204 -3.64 23.57 -8.77
C ALA B 204 -5.09 23.84 -8.36
N THR B 205 -5.98 23.96 -9.33
CA THR B 205 -7.40 24.16 -9.01
C THR B 205 -8.04 22.88 -8.49
N LEU B 206 -7.73 21.74 -9.13
CA LEU B 206 -8.53 20.55 -8.87
C LEU B 206 -7.90 19.62 -7.83
N SER B 207 -6.61 19.31 -7.96
CA SER B 207 -6.02 18.18 -7.25
C SER B 207 -6.05 18.27 -5.72
N PRO B 208 -5.68 19.38 -5.06
CA PRO B 208 -5.75 19.37 -3.59
C PRO B 208 -7.17 19.39 -3.05
N PHE B 209 -8.16 19.72 -3.88
CA PHE B 209 -9.54 19.74 -3.42
C PHE B 209 -10.09 18.32 -3.25
N ALA B 210 -9.59 17.37 -4.04
CA ALA B 210 -10.01 15.98 -3.95
C ALA B 210 -9.00 15.10 -3.22
N THR B 211 -7.74 15.52 -3.16
CA THR B 211 -6.74 14.77 -2.39
C THR B 211 -7.10 14.73 -0.91
N ALA B 212 -7.64 15.83 -0.39
CA ALA B 212 -8.09 15.87 1.00
C ALA B 212 -9.22 14.88 1.24
N ALA B 213 -10.17 14.80 0.30
CA ALA B 213 -11.27 13.85 0.44
C ALA B 213 -10.76 12.41 0.38
N ALA B 214 -9.83 12.12 -0.53
CA ALA B 214 -9.27 10.77 -0.61
C ALA B 214 -8.50 10.41 0.65
N LEU B 215 -7.76 11.38 1.22
CA LEU B 215 -7.05 11.15 2.47
C LEU B 215 -8.02 10.91 3.63
N ARG B 216 -9.15 11.61 3.62
CA ARG B 216 -10.17 11.36 4.64
C ARG B 216 -10.77 9.97 4.50
N ILE B 217 -10.96 9.51 3.26
CA ILE B 217 -11.49 8.16 3.02
C ILE B 217 -10.50 7.10 3.50
N SER B 218 -9.22 7.28 3.19
CA SER B 218 -8.23 6.21 3.41
C SER B 218 -7.97 5.96 4.90
N ILE B 219 -7.92 7.02 5.70
CA ILE B 219 -7.53 6.88 7.11
C ILE B 219 -8.64 6.21 7.91
N GLN B 220 -9.90 6.52 7.60
CA GLN B 220 -11.05 6.03 8.37
C GLN B 220 -11.16 4.50 8.31
N LYS C 3 -40.76 6.60 -3.94
CA LYS C 3 -41.34 5.62 -4.84
C LYS C 3 -40.45 4.38 -4.96
N THR C 4 -40.44 3.77 -6.15
CA THR C 4 -39.70 2.53 -6.34
C THR C 4 -38.19 2.74 -6.36
N LEU C 5 -37.73 3.96 -6.67
CA LEU C 5 -36.30 4.23 -6.66
C LEU C 5 -35.73 4.21 -5.26
N HIS C 6 -36.54 4.59 -4.26
CA HIS C 6 -36.09 4.53 -2.87
C HIS C 6 -35.98 3.09 -2.38
N GLN C 7 -36.91 2.23 -2.79
CA GLN C 7 -36.84 0.83 -2.39
C GLN C 7 -35.95 0.00 -3.30
N LEU C 8 -35.39 0.59 -4.36
CA LEU C 8 -34.42 -0.09 -5.20
C LEU C 8 -33.11 -0.37 -4.48
N ALA C 9 -32.81 0.36 -3.40
CA ALA C 9 -31.51 0.28 -2.74
C ALA C 9 -31.40 -0.85 -1.72
N ILE C 10 -32.49 -1.52 -1.37
CA ILE C 10 -32.43 -2.63 -0.42
C ILE C 10 -31.87 -3.86 -1.15
N PRO C 11 -30.81 -4.47 -0.65
CA PRO C 11 -30.05 -5.46 -1.44
C PRO C 11 -30.80 -6.74 -1.76
N PRO C 12 -31.66 -7.30 -0.87
CA PRO C 12 -32.48 -8.44 -1.33
C PRO C 12 -33.47 -8.06 -2.43
N ARG C 13 -34.06 -6.87 -2.37
CA ARG C 13 -34.94 -6.43 -3.45
C ARG C 13 -34.16 -6.20 -4.74
N LEU C 14 -32.93 -5.70 -4.61
CA LEU C 14 -32.06 -5.54 -5.77
C LEU C 14 -31.71 -6.89 -6.39
N TYR C 15 -31.45 -7.89 -5.54
CA TYR C 15 -31.22 -9.26 -6.03
C TYR C 15 -32.45 -9.79 -6.76
N GLN C 16 -33.64 -9.55 -6.20
CA GLN C 16 -34.86 -10.09 -6.81
C GLN C 16 -35.14 -9.44 -8.16
N ILE C 17 -34.98 -8.12 -8.26
CA ILE C 17 -35.23 -7.46 -9.54
C ILE C 17 -34.14 -7.82 -10.55
N CYS C 18 -32.90 -8.06 -10.08
CA CYS C 18 -31.84 -8.49 -10.97
C CYS C 18 -32.10 -9.89 -11.53
N GLY C 19 -32.54 -10.80 -10.66
CA GLY C 19 -32.88 -12.14 -11.12
C GLY C 19 -34.11 -12.14 -12.01
N TRP C 20 -35.00 -11.17 -11.83
CA TRP C 20 -36.07 -10.97 -12.79
C TRP C 20 -35.51 -10.56 -14.15
N PHE C 21 -34.56 -9.63 -14.16
CA PHE C 21 -34.11 -9.04 -15.41
C PHE C 21 -33.18 -9.94 -16.23
N ILE C 22 -32.35 -10.76 -15.58
CA ILE C 22 -31.28 -11.50 -16.27
C ILE C 22 -31.70 -12.39 -17.45
N PRO C 23 -32.66 -13.32 -17.34
CA PRO C 23 -32.79 -14.32 -18.42
C PRO C 23 -33.38 -13.77 -19.71
N TRP C 24 -34.44 -12.96 -19.62
CA TRP C 24 -35.02 -12.34 -20.81
C TRP C 24 -34.02 -11.41 -21.49
N LEU C 25 -33.26 -10.67 -20.67
CA LEU C 25 -32.23 -9.78 -21.20
C LEU C 25 -31.16 -10.55 -21.94
N ALA C 26 -30.74 -11.70 -21.39
CA ALA C 26 -29.74 -12.53 -22.03
C ALA C 26 -30.25 -13.13 -23.34
N ILE C 27 -31.52 -13.56 -23.36
CA ILE C 27 -32.09 -14.13 -24.59
C ILE C 27 -32.18 -13.07 -25.68
N ALA C 28 -32.64 -11.87 -25.32
CA ALA C 28 -32.69 -10.78 -26.30
C ALA C 28 -31.30 -10.41 -26.79
N SER C 29 -30.32 -10.38 -25.88
CA SER C 29 -28.95 -10.06 -26.25
C SER C 29 -28.38 -11.09 -27.22
N VAL C 30 -28.62 -12.37 -26.95
CA VAL C 30 -28.02 -13.40 -27.79
C VAL C 30 -28.70 -13.46 -29.15
N VAL C 31 -30.02 -13.20 -29.22
CA VAL C 31 -30.66 -13.24 -30.53
C VAL C 31 -30.28 -12.01 -31.37
N VAL C 32 -30.15 -10.83 -30.75
CA VAL C 32 -29.75 -9.64 -31.50
C VAL C 32 -28.28 -9.75 -31.93
N LEU C 33 -27.41 -10.28 -31.06
CA LEU C 33 -26.02 -10.48 -31.46
C LEU C 33 -25.89 -11.54 -32.54
N THR C 34 -26.74 -12.58 -32.50
CA THR C 34 -26.70 -13.61 -33.53
C THR C 34 -27.09 -13.04 -34.89
N VAL C 35 -28.20 -12.30 -34.96
CA VAL C 35 -28.63 -11.74 -36.24
C VAL C 35 -27.64 -10.67 -36.71
N GLY C 36 -27.05 -9.92 -35.78
CA GLY C 36 -26.05 -8.94 -36.15
C GLY C 36 -24.79 -9.55 -36.73
N TRP C 37 -24.26 -10.59 -36.08
CA TRP C 37 -23.07 -11.26 -36.59
C TRP C 37 -23.34 -11.97 -37.91
N ILE C 38 -24.53 -12.57 -38.07
CA ILE C 38 -24.84 -13.26 -39.32
C ILE C 38 -24.96 -12.26 -40.46
N TRP C 39 -25.71 -11.18 -40.26
CA TRP C 39 -25.89 -10.18 -41.30
C TRP C 39 -24.66 -9.32 -41.51
N GLY C 40 -23.69 -9.37 -40.60
CA GLY C 40 -22.43 -8.69 -40.82
C GLY C 40 -21.41 -9.54 -41.57
N PHE C 41 -21.19 -10.77 -41.09
CA PHE C 41 -20.17 -11.62 -41.71
C PHE C 41 -20.65 -12.23 -43.01
N GLY C 42 -21.97 -12.42 -43.17
CA GLY C 42 -22.55 -12.89 -44.40
C GLY C 42 -23.58 -11.91 -44.93
N PHE C 43 -23.89 -12.04 -46.22
CA PHE C 43 -24.84 -11.19 -46.95
C PHE C 43 -24.37 -9.73 -46.86
N ALA C 44 -23.13 -9.49 -47.29
CA ALA C 44 -22.52 -8.16 -47.36
C ALA C 44 -21.26 -8.26 -48.19
N PRO C 45 -21.01 -7.31 -49.09
CA PRO C 45 -19.75 -7.27 -49.81
C PRO C 45 -18.69 -6.49 -49.03
N ALA C 46 -17.49 -6.43 -49.59
CA ALA C 46 -16.33 -5.84 -48.94
C ALA C 46 -15.96 -4.52 -49.60
N ASP C 47 -15.13 -3.75 -48.90
CA ASP C 47 -14.68 -2.47 -49.44
C ASP C 47 -13.64 -2.71 -50.53
N TYR C 48 -13.47 -1.71 -51.40
CA TYR C 48 -12.67 -1.89 -52.62
C TYR C 48 -11.19 -2.02 -52.30
N GLN C 49 -10.68 -1.20 -51.39
CA GLN C 49 -9.23 -1.08 -51.23
C GLN C 49 -8.64 -2.26 -50.46
N GLN C 50 -9.02 -2.41 -49.19
CA GLN C 50 -8.41 -3.45 -48.37
C GLN C 50 -9.00 -4.83 -48.64
N GLY C 51 -10.25 -4.89 -49.07
CA GLY C 51 -10.85 -6.16 -49.43
C GLY C 51 -11.62 -6.83 -48.31
N ASN C 52 -11.53 -8.16 -48.25
CA ASN C 52 -12.34 -8.96 -47.33
C ASN C 52 -11.96 -8.78 -45.86
N SER C 53 -10.81 -8.14 -45.57
CA SER C 53 -10.45 -7.88 -44.18
C SER C 53 -11.34 -6.81 -43.56
N TYR C 54 -12.02 -6.02 -44.40
CA TYR C 54 -12.81 -4.88 -43.93
C TYR C 54 -13.90 -5.30 -42.95
N ARG C 55 -14.36 -6.55 -43.02
CA ARG C 55 -15.39 -7.06 -42.12
C ARG C 55 -14.96 -7.03 -40.65
N ILE C 56 -13.66 -6.96 -40.37
CA ILE C 56 -13.18 -6.82 -38.99
C ILE C 56 -13.66 -5.51 -38.36
N ILE C 57 -14.07 -4.53 -39.17
CA ILE C 57 -14.64 -3.28 -38.67
C ILE C 57 -15.90 -3.56 -37.85
N TYR C 58 -16.52 -4.73 -38.03
CA TYR C 58 -17.61 -5.12 -37.16
C TYR C 58 -17.03 -5.39 -35.78
N LEU C 59 -16.16 -6.39 -35.68
CA LEU C 59 -15.70 -6.88 -34.38
C LEU C 59 -14.86 -5.85 -33.63
N HIS C 60 -14.45 -4.78 -34.30
CA HIS C 60 -13.66 -3.75 -33.65
C HIS C 60 -14.54 -2.62 -33.11
N VAL C 61 -15.58 -2.23 -33.83
CA VAL C 61 -16.13 -0.88 -33.62
C VAL C 61 -16.98 -0.72 -32.37
N PRO C 62 -18.06 -1.48 -32.12
CA PRO C 62 -18.92 -1.13 -30.98
C PRO C 62 -18.27 -1.36 -29.62
N ALA C 63 -17.62 -2.51 -29.43
CA ALA C 63 -16.97 -2.82 -28.16
C ALA C 63 -16.00 -1.72 -27.76
N ALA C 64 -15.17 -1.28 -28.71
CA ALA C 64 -14.25 -0.17 -28.50
C ALA C 64 -14.99 1.07 -27.99
N ILE C 65 -16.03 1.49 -28.71
CA ILE C 65 -16.71 2.72 -28.29
C ILE C 65 -17.45 2.46 -26.99
N TRP C 66 -17.94 1.23 -26.79
CA TRP C 66 -18.61 0.97 -25.53
C TRP C 66 -17.63 0.85 -24.38
N SER C 67 -16.35 0.55 -24.68
CA SER C 67 -15.32 0.74 -23.67
C SER C 67 -15.35 2.16 -23.15
N MET C 68 -15.27 3.12 -24.08
CA MET C 68 -15.51 4.53 -23.74
C MET C 68 -16.86 4.68 -23.08
N GLY C 69 -17.89 4.05 -23.66
CA GLY C 69 -19.23 4.17 -23.12
C GLY C 69 -19.32 3.68 -21.69
N ILE C 70 -18.69 2.53 -21.41
CA ILE C 70 -18.89 1.98 -20.07
C ILE C 70 -18.11 2.81 -19.06
N TYR C 71 -17.01 3.43 -19.51
CA TYR C 71 -16.28 4.34 -18.61
C TYR C 71 -17.16 5.51 -18.22
N ALA C 72 -17.92 6.05 -19.18
CA ALA C 72 -18.86 7.11 -18.88
C ALA C 72 -19.89 6.63 -17.87
N SER C 73 -20.38 5.40 -18.06
CA SER C 73 -21.36 4.83 -17.13
C SER C 73 -20.75 4.70 -15.75
N MET C 74 -19.45 4.34 -15.68
CA MET C 74 -18.79 4.22 -14.40
C MET C 74 -18.74 5.56 -13.69
N ALA C 75 -18.51 6.64 -14.46
CA ALA C 75 -18.55 7.98 -13.89
C ALA C 75 -19.95 8.29 -13.36
N VAL C 76 -20.98 7.86 -14.11
CA VAL C 76 -22.36 8.06 -13.69
C VAL C 76 -22.63 7.33 -12.37
N ALA C 77 -21.96 6.21 -12.14
CA ALA C 77 -22.02 5.60 -10.82
C ALA C 77 -21.21 6.41 -9.82
N ALA C 78 -19.95 6.71 -10.17
CA ALA C 78 -18.98 7.15 -9.16
C ALA C 78 -19.34 8.51 -8.57
N PHE C 79 -19.83 9.42 -9.43
CA PHE C 79 -20.30 10.72 -8.97
C PHE C 79 -21.38 10.57 -7.92
N ILE C 80 -22.36 9.69 -8.17
CA ILE C 80 -23.41 9.43 -7.19
C ILE C 80 -22.81 8.89 -5.90
N GLY C 81 -21.79 8.03 -6.04
CA GLY C 81 -21.19 7.42 -4.86
C GLY C 81 -20.40 8.41 -4.02
N LEU C 82 -20.24 9.64 -4.50
CA LEU C 82 -19.63 10.68 -3.71
C LEU C 82 -20.62 11.75 -3.26
N VAL C 83 -21.79 11.85 -3.91
CA VAL C 83 -22.69 12.97 -3.65
C VAL C 83 -23.58 12.70 -2.44
N TRP C 84 -24.36 11.62 -2.46
CA TRP C 84 -25.29 11.32 -1.36
C TRP C 84 -24.80 10.17 -0.49
N GLN C 85 -23.58 9.69 -0.72
CA GLN C 85 -23.01 8.53 -0.03
C GLN C 85 -23.91 7.30 -0.15
N MET C 86 -24.50 7.11 -1.32
CA MET C 86 -25.25 5.89 -1.58
C MET C 86 -24.23 4.76 -1.76
N LYS C 87 -24.06 3.96 -0.71
CA LYS C 87 -23.02 2.94 -0.66
C LYS C 87 -23.30 1.82 -1.66
N MET C 88 -24.56 1.69 -2.10
CA MET C 88 -24.89 0.70 -3.13
C MET C 88 -24.29 1.08 -4.48
N ALA C 89 -24.07 2.39 -4.71
CA ALA C 89 -23.58 2.83 -6.01
C ALA C 89 -22.11 2.49 -6.22
N ASN C 90 -21.36 2.27 -5.14
CA ASN C 90 -19.93 2.00 -5.28
C ASN C 90 -19.68 0.58 -5.81
N LEU C 91 -20.59 -0.36 -5.55
CA LEU C 91 -20.44 -1.72 -6.06
C LEU C 91 -20.60 -1.78 -7.57
N ALA C 92 -21.36 -0.85 -8.16
CA ALA C 92 -21.52 -0.83 -9.61
C ALA C 92 -20.20 -0.53 -10.32
N VAL C 93 -19.31 0.24 -9.68
CA VAL C 93 -18.00 0.53 -10.26
C VAL C 93 -17.19 -0.75 -10.41
N ALA C 94 -17.14 -1.56 -9.35
CA ALA C 94 -16.44 -2.84 -9.42
C ALA C 94 -17.15 -3.82 -10.32
N ALA C 95 -18.47 -3.69 -10.48
CA ALA C 95 -19.19 -4.54 -11.42
C ALA C 95 -18.85 -4.20 -12.86
N MET C 96 -18.69 -2.90 -13.16
CA MET C 96 -18.51 -2.48 -14.54
C MET C 96 -17.04 -2.44 -14.96
N ALA C 97 -16.11 -2.44 -14.00
CA ALA C 97 -14.69 -2.33 -14.35
C ALA C 97 -14.12 -3.47 -15.18
N PRO C 98 -14.25 -4.76 -14.82
CA PRO C 98 -13.58 -5.78 -15.65
C PRO C 98 -14.29 -6.05 -16.95
N ILE C 99 -15.59 -5.74 -17.05
CA ILE C 99 -16.28 -5.81 -18.34
C ILE C 99 -15.68 -4.80 -19.31
N GLY C 100 -15.42 -3.58 -18.82
CA GLY C 100 -14.73 -2.60 -19.62
C GLY C 100 -13.31 -3.01 -19.97
N ALA C 101 -12.63 -3.68 -19.03
CA ALA C 101 -11.28 -4.16 -19.32
C ALA C 101 -11.29 -5.20 -20.44
N VAL C 102 -12.25 -6.12 -20.41
CA VAL C 102 -12.34 -7.14 -21.45
C VAL C 102 -12.72 -6.51 -22.79
N PHE C 103 -13.63 -5.53 -22.78
CA PHE C 103 -14.00 -4.86 -24.03
C PHE C 103 -12.83 -4.06 -24.60
N THR C 104 -12.04 -3.42 -23.75
CA THR C 104 -10.87 -2.70 -24.25
C THR C 104 -9.82 -3.66 -24.78
N PHE C 105 -9.63 -4.80 -24.13
CA PHE C 105 -8.69 -5.81 -24.62
C PHE C 105 -9.11 -6.35 -25.98
N ILE C 106 -10.40 -6.67 -26.15
CA ILE C 106 -10.85 -7.22 -27.43
C ILE C 106 -10.77 -6.16 -28.52
N ALA C 107 -11.02 -4.88 -28.18
CA ALA C 107 -10.86 -3.81 -29.15
C ALA C 107 -9.40 -3.68 -29.59
N LEU C 108 -8.47 -3.75 -28.63
CA LEU C 108 -7.06 -3.65 -28.96
C LEU C 108 -6.60 -4.82 -29.82
N VAL C 109 -7.07 -6.03 -29.52
CA VAL C 109 -6.68 -7.20 -30.29
C VAL C 109 -7.20 -7.12 -31.72
N THR C 110 -8.48 -6.73 -31.90
CA THR C 110 -9.00 -6.60 -33.26
C THR C 110 -8.30 -5.48 -34.02
N GLY C 111 -8.01 -4.36 -33.36
CA GLY C 111 -7.32 -3.27 -34.03
C GLY C 111 -5.91 -3.63 -34.43
N SER C 112 -5.23 -4.44 -33.60
CA SER C 112 -3.89 -4.89 -33.95
C SER C 112 -3.93 -5.93 -35.07
N ALA C 113 -4.92 -6.81 -35.06
CA ALA C 113 -4.98 -7.87 -36.06
C ALA C 113 -5.40 -7.35 -37.42
N TRP C 114 -6.22 -6.30 -37.47
CA TRP C 114 -6.71 -5.80 -38.74
C TRP C 114 -5.72 -4.87 -39.44
N GLY C 115 -4.68 -4.41 -38.74
CA GLY C 115 -3.71 -3.50 -39.34
C GLY C 115 -2.63 -4.18 -40.15
N LYS C 116 -2.71 -5.50 -40.26
CA LYS C 116 -1.68 -6.26 -40.99
C LYS C 116 -1.54 -5.94 -42.48
N PRO C 117 -2.60 -5.87 -43.32
CA PRO C 117 -2.37 -5.79 -44.78
C PRO C 117 -1.62 -4.56 -45.27
N MET C 118 -1.56 -3.50 -44.49
CA MET C 118 -0.80 -2.32 -44.89
C MET C 118 0.43 -2.07 -44.05
N TRP C 119 0.37 -2.30 -42.73
CA TRP C 119 1.48 -1.94 -41.87
C TRP C 119 2.58 -3.01 -41.88
N GLY C 120 2.21 -4.28 -42.03
CA GLY C 120 3.20 -5.35 -42.04
C GLY C 120 3.50 -5.89 -40.65
N THR C 121 4.01 -5.03 -39.78
CA THR C 121 4.25 -5.40 -38.39
C THR C 121 2.93 -5.55 -37.66
N TRP C 122 2.90 -6.49 -36.70
CA TRP C 122 1.69 -6.71 -35.89
C TRP C 122 1.27 -5.45 -35.15
N TRP C 123 2.22 -4.73 -34.56
CA TRP C 123 1.92 -3.52 -33.81
C TRP C 123 2.76 -2.37 -34.34
N VAL C 124 2.08 -1.32 -34.79
CA VAL C 124 2.70 -0.07 -35.20
C VAL C 124 2.09 1.04 -34.37
N TRP C 125 2.93 1.91 -33.80
CA TRP C 125 2.48 2.89 -32.83
C TRP C 125 1.69 4.01 -33.50
N ASP C 126 0.46 3.69 -33.93
CA ASP C 126 -0.38 4.63 -34.64
C ASP C 126 -1.44 5.19 -33.69
N ALA C 127 -2.41 5.93 -34.22
CA ALA C 127 -3.45 6.55 -33.43
C ALA C 127 -4.52 5.53 -33.07
N ARG C 128 -5.34 5.88 -32.06
CA ARG C 128 -6.50 5.17 -31.50
C ARG C 128 -6.08 3.94 -30.70
N LEU C 129 -4.87 3.43 -30.94
CA LEU C 129 -4.43 2.23 -30.22
C LEU C 129 -3.71 2.63 -28.94
N THR C 130 -2.99 3.75 -28.99
CA THR C 130 -2.44 4.34 -27.76
C THR C 130 -3.58 4.76 -26.83
N SER C 131 -4.67 5.30 -27.39
CA SER C 131 -5.81 5.68 -26.57
C SER C 131 -6.49 4.46 -25.95
N GLU C 132 -6.67 3.39 -26.73
CA GLU C 132 -7.20 2.15 -26.15
C GLU C 132 -6.27 1.58 -25.08
N LEU C 133 -4.96 1.69 -25.29
CA LEU C 133 -4.01 1.18 -24.29
C LEU C 133 -4.09 1.99 -23.00
N VAL C 134 -4.27 3.31 -23.10
CA VAL C 134 -4.43 4.15 -21.92
C VAL C 134 -5.73 3.82 -21.19
N LEU C 135 -6.81 3.58 -21.94
CA LEU C 135 -8.06 3.18 -21.30
C LEU C 135 -7.93 1.84 -20.60
N LEU C 136 -7.21 0.89 -21.22
CA LEU C 136 -6.94 -0.38 -20.58
C LEU C 136 -6.11 -0.21 -19.32
N PHE C 137 -5.16 0.72 -19.33
CA PHE C 137 -4.35 0.98 -18.14
C PHE C 137 -5.19 1.58 -17.01
N LEU C 138 -6.14 2.45 -17.35
CA LEU C 138 -7.05 2.99 -16.34
C LEU C 138 -7.94 1.90 -15.76
N TYR C 139 -8.40 0.96 -16.61
CA TYR C 139 -9.16 -0.17 -16.12
C TYR C 139 -8.32 -1.07 -15.21
N VAL C 140 -7.05 -1.25 -15.55
CA VAL C 140 -6.11 -1.98 -14.68
C VAL C 140 -5.98 -1.28 -13.34
N GLY C 141 -5.87 0.04 -13.35
CA GLY C 141 -5.78 0.79 -12.10
C GLY C 141 -7.01 0.65 -11.22
N VAL C 142 -8.20 0.72 -11.83
CA VAL C 142 -9.44 0.55 -11.07
C VAL C 142 -9.56 -0.86 -10.51
N ILE C 143 -9.21 -1.88 -11.32
CA ILE C 143 -9.25 -3.27 -10.85
C ILE C 143 -8.28 -3.48 -9.69
N ALA C 144 -7.07 -2.93 -9.81
CA ALA C 144 -6.07 -3.07 -8.76
C ALA C 144 -6.50 -2.38 -7.47
N LEU C 145 -7.10 -1.20 -7.60
CA LEU C 145 -7.52 -0.47 -6.41
C LEU C 145 -8.70 -1.17 -5.73
N TRP C 146 -9.59 -1.78 -6.52
CA TRP C 146 -10.68 -2.56 -5.93
C TRP C 146 -10.15 -3.80 -5.22
N HIS C 147 -9.24 -4.53 -5.86
CA HIS C 147 -8.72 -5.76 -5.27
C HIS C 147 -7.56 -5.52 -4.32
N ALA C 148 -7.24 -4.26 -4.01
CA ALA C 148 -6.14 -3.95 -3.11
C ALA C 148 -6.57 -3.79 -1.66
N PHE C 149 -7.72 -3.17 -1.39
CA PHE C 149 -8.20 -2.99 -0.04
C PHE C 149 -8.61 -4.31 0.60
N ASP C 150 -8.44 -4.40 1.92
CA ASP C 150 -8.96 -5.54 2.65
C ASP C 150 -10.47 -5.44 2.87
N ASP C 151 -10.98 -4.23 3.00
CA ASP C 151 -12.40 -3.98 3.18
C ASP C 151 -13.04 -3.61 1.84
N ARG C 152 -14.36 -3.75 1.78
CA ARG C 152 -15.08 -3.58 0.52
C ARG C 152 -15.63 -2.16 0.34
N ARG C 153 -16.13 -1.54 1.41
CA ARG C 153 -16.77 -0.24 1.29
C ARG C 153 -15.75 0.85 1.00
N LEU C 154 -14.61 0.81 1.70
CA LEU C 154 -13.52 1.74 1.42
C LEU C 154 -12.98 1.52 0.01
N ALA C 155 -12.91 0.26 -0.43
CA ALA C 155 -12.48 -0.03 -1.79
C ALA C 155 -13.43 0.57 -2.82
N GLY C 156 -14.73 0.46 -2.58
CA GLY C 156 -15.70 1.03 -3.51
C GLY C 156 -15.64 2.54 -3.57
N ARG C 157 -15.48 3.20 -2.41
CA ARG C 157 -15.44 4.65 -2.42
C ARG C 157 -14.12 5.17 -3.01
N ALA C 158 -13.00 4.49 -2.75
CA ALA C 158 -11.73 4.86 -3.37
C ALA C 158 -11.76 4.62 -4.87
N ALA C 159 -12.42 3.55 -5.32
CA ALA C 159 -12.59 3.32 -6.74
C ALA C 159 -13.45 4.41 -7.37
N GLY C 160 -14.48 4.87 -6.67
CA GLY C 160 -15.26 5.99 -7.17
C GLY C 160 -14.44 7.26 -7.32
N ILE C 161 -13.57 7.53 -6.34
CA ILE C 161 -12.68 8.69 -6.43
C ILE C 161 -11.72 8.55 -7.62
N LEU C 162 -11.16 7.36 -7.82
CA LEU C 162 -10.25 7.12 -8.94
C LEU C 162 -10.97 7.28 -10.27
N VAL C 163 -12.22 6.80 -10.36
CA VAL C 163 -12.98 6.92 -11.59
C VAL C 163 -13.31 8.38 -11.88
N LEU C 164 -13.61 9.16 -10.83
CA LEU C 164 -13.84 10.59 -11.02
C LEU C 164 -12.58 11.30 -11.52
N ILE C 165 -11.43 10.97 -10.95
CA ILE C 165 -10.18 11.57 -11.41
C ILE C 165 -9.89 11.18 -12.86
N GLY C 166 -10.14 9.91 -13.20
CA GLY C 166 -9.91 9.46 -14.57
C GLY C 166 -10.83 10.12 -15.57
N VAL C 167 -12.10 10.29 -15.24
CA VAL C 167 -13.02 10.92 -16.19
C VAL C 167 -12.77 12.43 -16.27
N VAL C 168 -12.19 13.03 -15.24
CA VAL C 168 -11.75 14.41 -15.35
C VAL C 168 -10.56 14.51 -16.31
N ASN C 169 -9.57 13.63 -16.15
CA ASN C 169 -8.34 13.74 -16.93
C ASN C 169 -8.43 13.13 -18.32
N LEU C 170 -9.48 12.36 -18.62
CA LEU C 170 -9.55 11.64 -19.89
C LEU C 170 -9.64 12.52 -21.14
N PRO C 171 -10.44 13.60 -21.20
CA PRO C 171 -10.40 14.45 -22.41
C PRO C 171 -9.03 15.04 -22.72
N ILE C 172 -8.24 15.36 -21.70
CA ILE C 172 -6.89 15.87 -21.91
C ILE C 172 -6.02 14.84 -22.61
N ILE C 173 -6.11 13.59 -22.16
CA ILE C 173 -5.35 12.51 -22.79
C ILE C 173 -5.84 12.27 -24.22
N HIS C 174 -7.17 12.24 -24.41
CA HIS C 174 -7.72 11.95 -25.72
C HIS C 174 -7.44 13.07 -26.72
N TYR C 175 -7.18 14.29 -26.24
CA TYR C 175 -6.81 15.36 -27.16
C TYR C 175 -5.29 15.44 -27.34
N SER C 176 -4.51 15.07 -26.32
CA SER C 176 -3.06 15.15 -26.41
C SER C 176 -2.47 14.02 -27.24
N VAL C 177 -3.08 12.83 -27.22
CA VAL C 177 -2.63 11.74 -28.07
C VAL C 177 -2.87 12.06 -29.55
N GLU C 178 -3.92 12.82 -29.85
CA GLU C 178 -4.19 13.23 -31.23
C GLU C 178 -3.09 14.14 -31.78
N TRP C 179 -2.30 14.79 -30.91
CA TRP C 179 -1.18 15.59 -31.37
C TRP C 179 -0.08 14.73 -31.99
N TRP C 180 -0.08 13.43 -31.68
CA TRP C 180 0.75 12.48 -32.43
C TRP C 180 0.22 12.16 -33.82
N ASN C 181 -0.98 12.60 -34.15
CA ASN C 181 -1.54 12.29 -35.47
C ASN C 181 -1.47 13.45 -36.44
N THR C 182 -1.41 14.69 -35.93
CA THR C 182 -1.15 15.83 -36.78
C THR C 182 0.35 15.97 -37.04
N LEU C 183 1.11 16.15 -35.96
CA LEU C 183 2.56 16.05 -36.02
C LEU C 183 2.96 14.57 -36.03
N HIS C 184 4.25 14.32 -36.34
CA HIS C 184 4.85 12.98 -36.30
C HIS C 184 4.13 12.01 -37.24
N GLN C 185 4.28 12.29 -38.54
CA GLN C 185 3.69 11.52 -39.64
C GLN C 185 2.16 11.46 -39.58
N GLY C 186 1.57 10.64 -40.45
CA GLY C 186 0.13 10.52 -40.50
C GLY C 186 -0.30 9.07 -40.67
N SER C 187 -1.59 8.84 -40.45
CA SER C 187 -2.19 7.52 -40.55
C SER C 187 -3.38 7.56 -41.50
N THR C 188 -3.87 6.38 -41.87
CA THR C 188 -5.01 6.26 -42.75
C THR C 188 -6.31 6.26 -41.94
N ARG C 189 -7.42 6.49 -42.65
CA ARG C 189 -8.75 6.52 -42.03
C ARG C 189 -9.21 5.08 -41.77
N MET C 190 -8.74 4.54 -40.65
CA MET C 190 -8.97 3.14 -40.35
C MET C 190 -10.24 2.94 -39.53
N GLN C 191 -10.75 4.00 -38.90
CA GLN C 191 -11.78 3.82 -37.88
C GLN C 191 -13.15 3.58 -38.50
N GLN C 192 -13.65 4.55 -39.25
CA GLN C 192 -15.02 4.50 -39.76
C GLN C 192 -15.06 4.88 -41.24
N SER C 193 -14.17 4.30 -42.03
CA SER C 193 -14.24 4.40 -43.49
C SER C 193 -15.27 3.38 -43.95
N ILE C 194 -16.51 3.84 -44.12
CA ILE C 194 -17.65 2.95 -44.32
C ILE C 194 -18.38 3.33 -45.60
N ASP C 195 -19.09 2.36 -46.16
CA ASP C 195 -20.03 2.63 -47.24
C ASP C 195 -21.39 3.04 -46.67
N PRO C 196 -22.09 4.01 -47.28
CA PRO C 196 -23.34 4.48 -46.68
C PRO C 196 -24.52 3.56 -46.91
N ALA C 197 -24.49 2.73 -47.95
CA ALA C 197 -25.65 1.91 -48.28
C ALA C 197 -25.82 0.76 -47.29
N MET C 198 -24.73 0.22 -46.78
CA MET C 198 -24.73 -0.99 -45.96
C MET C 198 -24.06 -0.64 -44.63
N ARG C 199 -24.86 -0.21 -43.66
CA ARG C 199 -24.34 0.20 -42.36
C ARG C 199 -25.19 -0.30 -41.20
N SER C 200 -26.44 -0.73 -41.46
CA SER C 200 -27.30 -1.27 -40.42
C SER C 200 -26.75 -2.44 -39.61
N PRO C 201 -26.01 -3.42 -40.18
CA PRO C 201 -25.41 -4.45 -39.31
C PRO C 201 -24.48 -3.90 -38.24
N LEU C 202 -23.78 -2.79 -38.52
CA LEU C 202 -22.92 -2.20 -37.50
C LEU C 202 -23.73 -1.62 -36.35
N ARG C 203 -24.85 -0.95 -36.66
CA ARG C 203 -25.71 -0.42 -35.58
C ARG C 203 -26.36 -1.56 -34.79
N TRP C 204 -26.74 -2.64 -35.47
CA TRP C 204 -27.29 -3.77 -34.74
C TRP C 204 -26.23 -4.46 -33.87
N SER C 205 -24.98 -4.42 -34.31
CA SER C 205 -23.89 -4.89 -33.46
C SER C 205 -23.69 -3.98 -32.24
N ILE C 206 -23.83 -2.67 -32.43
CA ILE C 206 -23.78 -1.73 -31.30
C ILE C 206 -24.86 -2.08 -30.29
N PHE C 207 -26.08 -2.31 -30.78
CA PHE C 207 -27.18 -2.70 -29.90
C PHE C 207 -26.90 -4.04 -29.21
N GLY C 208 -26.32 -4.99 -29.94
CA GLY C 208 -26.04 -6.29 -29.37
C GLY C 208 -25.01 -6.26 -28.25
N PHE C 209 -23.96 -5.48 -28.39
CA PHE C 209 -23.06 -5.49 -27.27
C PHE C 209 -23.80 -4.76 -26.19
N LEU C 210 -24.38 -3.62 -26.49
CA LEU C 210 -25.02 -2.90 -25.38
C LEU C 210 -25.81 -3.88 -24.50
N LEU C 211 -26.63 -4.73 -25.12
CA LEU C 211 -27.43 -5.69 -24.36
C LEU C 211 -26.56 -6.71 -23.64
N LEU C 212 -25.49 -7.18 -24.28
CA LEU C 212 -24.59 -8.13 -23.63
C LEU C 212 -23.85 -7.48 -22.46
N SER C 213 -23.41 -6.23 -22.62
CA SER C 213 -22.75 -5.53 -21.52
C SER C 213 -23.70 -5.35 -20.35
N ALA C 214 -24.96 -5.02 -20.64
CA ALA C 214 -25.96 -4.90 -19.57
C ALA C 214 -26.17 -6.23 -18.85
N THR C 215 -26.23 -7.33 -19.60
CA THR C 215 -26.41 -8.65 -19.00
C THR C 215 -25.24 -9.00 -18.07
N LEU C 216 -24.01 -8.85 -18.57
CA LEU C 216 -22.85 -9.17 -17.75
C LEU C 216 -22.72 -8.26 -16.53
N THR C 217 -22.99 -6.96 -16.69
CA THR C 217 -22.82 -6.07 -15.54
C THR C 217 -23.92 -6.29 -14.51
N LEU C 218 -25.14 -6.64 -14.93
CA LEU C 218 -26.19 -6.94 -13.97
C LEU C 218 -25.88 -8.22 -13.20
N MET C 219 -25.43 -9.27 -13.90
CA MET C 219 -25.22 -10.53 -13.20
C MET C 219 -23.96 -10.49 -12.33
N ARG C 220 -22.96 -9.69 -12.73
CA ARG C 220 -21.83 -9.47 -11.84
C ARG C 220 -22.21 -8.60 -10.64
N MET C 221 -23.11 -7.62 -10.83
CA MET C 221 -23.59 -6.84 -9.70
C MET C 221 -24.35 -7.72 -8.72
N ARG C 222 -25.05 -8.72 -9.26
CA ARG C 222 -25.67 -9.75 -8.43
C ARG C 222 -24.63 -10.55 -7.66
N ASN C 223 -23.54 -10.95 -8.33
CA ASN C 223 -22.49 -11.72 -7.66
C ASN C 223 -21.85 -10.90 -6.53
N LEU C 224 -21.62 -9.61 -6.77
CA LEU C 224 -21.07 -8.76 -5.72
C LEU C 224 -22.07 -8.53 -4.59
N ILE C 225 -23.36 -8.47 -4.89
CA ILE C 225 -24.31 -8.25 -3.79
C ILE C 225 -24.48 -9.54 -2.98
N LEU C 226 -24.17 -10.70 -3.56
CA LEU C 226 -24.04 -11.89 -2.73
C LEU C 226 -22.76 -11.87 -1.90
N LEU C 227 -21.66 -11.39 -2.48
CA LEU C 227 -20.39 -11.41 -1.74
C LEU C 227 -20.40 -10.41 -0.58
N MET C 228 -21.02 -9.25 -0.78
CA MET C 228 -21.01 -8.21 0.24
C MET C 228 -21.82 -8.56 1.48
N GLU C 229 -23.05 -9.01 1.32
CA GLU C 229 -23.92 -9.29 2.46
C GLU C 229 -23.84 -10.76 2.87
N LYS C 230 -22.70 -11.12 3.46
CA LYS C 230 -22.36 -12.52 3.74
C LYS C 230 -23.26 -13.14 4.80
N ARG C 231 -23.45 -12.50 5.95
CA ARG C 231 -24.14 -13.14 7.06
C ARG C 231 -25.52 -12.57 7.35
N ARG C 232 -25.99 -11.61 6.57
CA ARG C 232 -27.31 -11.04 6.81
C ARG C 232 -28.39 -12.04 6.38
N PRO C 233 -29.53 -12.06 7.08
CA PRO C 233 -30.45 -13.21 6.97
C PRO C 233 -31.22 -13.33 5.67
N TRP C 234 -31.15 -12.34 4.76
CA TRP C 234 -31.90 -12.50 3.51
C TRP C 234 -31.23 -13.54 2.60
N VAL C 235 -29.89 -13.60 2.61
CA VAL C 235 -29.19 -14.69 1.94
C VAL C 235 -29.51 -16.02 2.61
N SER C 236 -29.69 -16.00 3.93
CA SER C 236 -30.11 -17.19 4.67
C SER C 236 -31.48 -17.69 4.20
N GLU C 237 -32.43 -16.77 4.03
CA GLU C 237 -33.74 -17.14 3.53
C GLU C 237 -33.66 -17.61 2.08
N LEU C 238 -32.74 -17.04 1.31
CA LEU C 238 -32.52 -17.49 -0.07
C LEU C 238 -32.03 -18.95 -0.11
N ILE C 239 -31.01 -19.27 0.69
CA ILE C 239 -30.48 -20.63 0.66
C ILE C 239 -31.43 -21.61 1.34
N LEU C 240 -32.29 -21.12 2.24
CA LEU C 240 -33.34 -21.98 2.79
C LEU C 240 -34.41 -22.27 1.76
N LYS C 241 -34.76 -21.28 0.93
CA LYS C 241 -35.68 -21.51 -0.18
C LYS C 241 -35.07 -22.41 -1.24
N ARG C 242 -33.72 -22.42 -1.35
CA ARG C 242 -33.07 -23.39 -2.22
C ARG C 242 -33.30 -24.82 -1.76
N GLY C 243 -33.22 -25.05 -0.46
CA GLY C 243 -33.45 -26.37 0.09
C GLY C 243 -34.91 -26.65 0.38
N THR D 2 -29.26 -13.60 -53.14
CA THR D 2 -28.94 -12.60 -52.12
C THR D 2 -27.62 -12.74 -51.30
N PRO D 3 -27.14 -13.93 -50.94
CA PRO D 3 -25.88 -13.99 -50.17
C PRO D 3 -24.69 -13.55 -51.02
N ALA D 4 -23.78 -12.80 -50.39
CA ALA D 4 -22.59 -12.34 -51.09
C ALA D 4 -21.61 -13.48 -51.34
N PHE D 5 -21.62 -14.49 -50.47
CA PHE D 5 -20.77 -15.67 -50.61
C PHE D 5 -21.65 -16.83 -51.03
N ALA D 6 -21.53 -17.22 -52.31
CA ALA D 6 -22.41 -18.26 -52.85
C ALA D 6 -22.02 -19.64 -52.35
N SER D 7 -20.71 -19.93 -52.29
CA SER D 7 -20.22 -21.25 -51.93
C SER D 7 -19.97 -21.32 -50.43
N TRP D 8 -20.26 -22.48 -49.84
CA TRP D 8 -20.03 -22.69 -48.42
C TRP D 8 -18.54 -22.75 -48.08
N ASN D 9 -17.70 -23.23 -48.99
CA ASN D 9 -16.26 -23.32 -48.77
C ASN D 9 -15.57 -21.97 -48.79
N GLU D 10 -16.00 -21.03 -49.63
CA GLU D 10 -15.37 -19.72 -49.68
C GLU D 10 -15.84 -18.84 -48.53
N PHE D 11 -16.83 -19.30 -47.76
CA PHE D 11 -17.16 -18.65 -46.49
C PHE D 11 -16.09 -18.94 -45.45
N PHE D 12 -15.26 -19.96 -45.70
CA PHE D 12 -14.15 -20.25 -44.81
C PHE D 12 -12.84 -19.68 -45.33
N ALA D 13 -12.80 -19.31 -46.61
CA ALA D 13 -11.60 -18.74 -47.24
C ALA D 13 -12.02 -17.48 -47.97
N MET D 14 -11.79 -16.33 -47.33
CA MET D 14 -12.17 -15.03 -47.90
C MET D 14 -10.95 -14.39 -48.56
N GLY D 15 -10.62 -14.86 -49.76
CA GLY D 15 -9.64 -14.21 -50.61
C GLY D 15 -8.22 -14.23 -50.11
N GLY D 16 -7.84 -15.20 -49.28
CA GLY D 16 -6.50 -15.26 -48.75
C GLY D 16 -6.28 -14.46 -47.48
N TYR D 17 -7.26 -13.68 -47.04
CA TYR D 17 -7.20 -12.96 -45.79
C TYR D 17 -7.96 -13.68 -44.68
N ALA D 18 -8.27 -14.96 -44.88
CA ALA D 18 -9.23 -15.65 -44.01
C ALA D 18 -8.65 -15.94 -42.63
N PHE D 19 -7.37 -16.31 -42.57
CA PHE D 19 -6.79 -16.81 -41.31
C PHE D 19 -6.76 -15.73 -40.25
N PHE D 20 -6.44 -14.49 -40.63
CA PHE D 20 -6.40 -13.40 -39.66
C PHE D 20 -7.81 -13.02 -39.21
N VAL D 21 -8.78 -13.10 -40.12
CA VAL D 21 -10.18 -12.87 -39.74
C VAL D 21 -10.64 -13.92 -38.73
N TRP D 22 -10.30 -15.19 -38.96
CA TRP D 22 -10.72 -16.22 -38.01
C TRP D 22 -9.93 -16.16 -36.72
N LEU D 23 -8.70 -15.63 -36.75
CA LEU D 23 -7.97 -15.34 -35.53
C LEU D 23 -8.69 -14.26 -34.72
N ALA D 24 -9.20 -13.23 -35.40
CA ALA D 24 -10.02 -12.23 -34.74
C ALA D 24 -11.30 -12.85 -34.17
N VAL D 25 -11.89 -13.80 -34.89
CA VAL D 25 -13.10 -14.46 -34.42
C VAL D 25 -12.82 -15.27 -33.16
N VAL D 26 -11.73 -16.05 -33.15
CA VAL D 26 -11.47 -16.91 -31.99
C VAL D 26 -11.02 -16.08 -30.79
N MET D 27 -10.27 -14.99 -31.00
CA MET D 27 -9.92 -14.10 -29.91
C MET D 27 -11.05 -13.15 -29.55
N THR D 28 -12.14 -13.15 -30.30
CA THR D 28 -13.40 -12.58 -29.87
C THR D 28 -14.20 -13.53 -29.00
N VAL D 29 -14.26 -14.81 -29.38
CA VAL D 29 -15.08 -15.78 -28.67
C VAL D 29 -14.48 -16.10 -27.29
N ILE D 30 -13.15 -16.31 -27.23
CA ILE D 30 -12.53 -16.84 -26.01
C ILE D 30 -12.73 -15.96 -24.76
N PRO D 31 -12.42 -14.64 -24.78
CA PRO D 31 -12.55 -13.89 -23.51
C PRO D 31 -13.97 -13.73 -23.01
N LEU D 32 -14.95 -13.55 -23.90
CA LEU D 32 -16.33 -13.39 -23.46
C LEU D 32 -16.88 -14.68 -22.87
N VAL D 33 -16.59 -15.82 -23.51
CA VAL D 33 -17.04 -17.11 -23.01
C VAL D 33 -16.37 -17.42 -21.67
N VAL D 34 -15.06 -17.15 -21.56
CA VAL D 34 -14.40 -17.45 -20.29
C VAL D 34 -14.87 -16.51 -19.19
N LEU D 35 -15.26 -15.27 -19.54
CA LEU D 35 -15.83 -14.37 -18.54
C LEU D 35 -17.18 -14.87 -18.04
N VAL D 36 -18.05 -15.31 -18.96
CA VAL D 36 -19.37 -15.80 -18.57
C VAL D 36 -19.25 -17.07 -17.72
N VAL D 37 -18.38 -18.00 -18.13
CA VAL D 37 -18.19 -19.23 -17.37
C VAL D 37 -17.58 -18.94 -16.01
N HIS D 38 -16.65 -17.99 -15.95
CA HIS D 38 -16.05 -17.58 -14.68
C HIS D 38 -17.09 -17.01 -13.72
N SER D 39 -17.98 -16.15 -14.23
CA SER D 39 -18.94 -15.49 -13.35
C SER D 39 -20.02 -16.47 -12.89
N VAL D 40 -20.49 -17.35 -13.79
CA VAL D 40 -21.48 -18.35 -13.40
C VAL D 40 -20.87 -19.33 -12.39
N MET D 41 -19.63 -19.76 -12.64
CA MET D 41 -18.96 -20.66 -11.71
C MET D 41 -18.71 -20.00 -10.36
N GLN D 42 -18.40 -18.70 -10.34
CA GLN D 42 -18.18 -18.02 -9.07
C GLN D 42 -19.48 -17.83 -8.31
N HIS D 43 -20.59 -17.61 -9.02
CA HIS D 43 -21.90 -17.61 -8.38
C HIS D 43 -22.22 -18.96 -7.75
N ARG D 44 -21.99 -20.05 -8.49
CA ARG D 44 -22.27 -21.37 -7.93
C ARG D 44 -21.33 -21.69 -6.77
N ALA D 45 -20.07 -21.26 -6.87
CA ALA D 45 -19.09 -21.50 -5.81
C ALA D 45 -19.42 -20.72 -4.55
N ILE D 46 -19.89 -19.48 -4.68
CA ILE D 46 -20.23 -18.71 -3.48
C ILE D 46 -21.52 -19.25 -2.87
N LEU D 47 -22.45 -19.76 -3.69
CA LEU D 47 -23.63 -20.41 -3.13
C LEU D 47 -23.26 -21.68 -2.36
N ARG D 48 -22.33 -22.47 -2.92
CA ARG D 48 -21.85 -23.66 -2.22
C ARG D 48 -21.06 -23.30 -0.97
N GLY D 49 -20.32 -22.19 -1.00
CA GLY D 49 -19.62 -21.74 0.20
C GLY D 49 -20.57 -21.30 1.31
N VAL D 50 -21.66 -20.63 0.94
CA VAL D 50 -22.69 -20.29 1.93
C VAL D 50 -23.36 -21.56 2.47
N ALA D 51 -23.56 -22.58 1.62
CA ALA D 51 -24.11 -23.84 2.09
C ALA D 51 -23.18 -24.54 3.08
N GLN D 52 -21.88 -24.56 2.78
CA GLN D 52 -20.92 -25.18 3.70
C GLN D 52 -20.78 -24.37 4.98
N GLN D 53 -20.91 -23.04 4.88
CA GLN D 53 -20.94 -22.19 6.05
C GLN D 53 -22.13 -22.54 6.94
N ARG D 54 -23.32 -22.68 6.34
CA ARG D 54 -24.49 -23.17 7.07
C ARG D 54 -24.25 -24.54 7.69
N ALA D 55 -23.50 -25.41 7.01
CA ALA D 55 -23.14 -26.69 7.62
C ALA D 55 -22.31 -26.48 8.87
N ARG D 56 -21.38 -25.52 8.87
CA ARG D 56 -20.50 -25.41 10.02
C ARG D 56 -21.19 -24.79 11.23
N GLU D 57 -22.08 -23.78 11.05
CA GLU D 57 -22.80 -23.40 12.28
C GLU D 57 -23.97 -24.34 12.58
N ALA D 58 -24.38 -25.19 11.64
CA ALA D 58 -25.27 -26.28 12.02
C ALA D 58 -24.58 -27.21 13.00
N ARG D 59 -23.30 -27.51 12.73
CA ARG D 59 -22.51 -28.27 13.68
C ARG D 59 -22.27 -27.50 14.97
N LEU D 60 -22.16 -26.16 14.88
CA LEU D 60 -22.00 -25.35 16.09
C LEU D 60 -23.25 -25.38 16.97
N ARG D 61 -24.45 -25.29 16.37
CA ARG D 61 -25.67 -25.43 17.16
C ARG D 61 -25.84 -26.85 17.70
N ALA D 62 -25.36 -27.85 16.95
CA ALA D 62 -25.34 -29.20 17.49
C ALA D 62 -24.45 -29.31 18.71
N ALA D 63 -23.27 -28.68 18.67
CA ALA D 63 -22.38 -28.67 19.83
C ALA D 63 -22.97 -27.86 20.99
N GLN D 64 -23.70 -26.79 20.68
CA GLN D 64 -24.37 -26.03 21.72
C GLN D 64 -25.47 -26.84 22.39
N GLN D 65 -26.21 -27.62 21.61
CA GLN D 65 -27.21 -28.52 22.19
C GLN D 65 -26.57 -29.62 23.01
N GLN D 66 -25.39 -30.08 22.58
CA GLN D 66 -24.64 -31.04 23.39
C GLN D 66 -24.17 -30.42 24.71
N GLU D 67 -23.75 -29.16 24.67
CA GLU D 67 -23.34 -28.47 25.90
C GLU D 67 -24.53 -28.20 26.82
N ALA D 68 -25.69 -27.87 26.23
CA ALA D 68 -26.87 -27.62 27.04
C ALA D 68 -27.39 -28.89 27.69
N ALA D 69 -27.34 -30.01 26.96
CA ALA D 69 -27.79 -31.29 27.49
C ALA D 69 -26.73 -31.90 28.41
N MET E 12 24.31 -25.95 38.45
CA MET E 12 24.50 -24.77 37.63
C MET E 12 23.21 -24.37 36.94
N GLY E 13 22.90 -23.07 36.94
CA GLY E 13 21.71 -22.59 36.30
C GLY E 13 21.80 -22.60 34.79
N MET E 14 20.66 -22.39 34.15
CA MET E 14 20.60 -22.44 32.69
C MET E 14 21.16 -21.17 32.07
N LEU E 15 20.60 -20.01 32.45
CA LEU E 15 20.99 -18.72 31.92
C LEU E 15 21.64 -17.90 33.03
N GLU E 16 22.83 -17.36 32.76
CA GLU E 16 23.45 -16.50 33.76
C GLU E 16 24.04 -15.28 33.06
N ALA E 17 24.25 -14.22 33.82
CA ALA E 17 24.70 -12.94 33.32
C ALA E 17 25.93 -12.49 34.13
N ARG E 18 26.98 -12.07 33.43
CA ARG E 18 28.27 -11.77 34.05
C ARG E 18 28.77 -10.40 33.61
N GLU E 19 28.88 -9.47 34.57
CA GLU E 19 29.49 -8.13 34.43
C GLU E 19 29.03 -7.39 33.18
N LEU E 20 27.72 -7.38 32.96
CA LEU E 20 27.13 -6.65 31.84
C LEU E 20 27.24 -5.14 32.02
N LEU E 21 27.60 -4.45 30.95
CA LEU E 21 27.72 -3.00 30.93
C LEU E 21 26.94 -2.46 29.74
N CYS E 22 26.14 -1.43 29.97
CA CYS E 22 25.37 -0.78 28.91
C CYS E 22 25.61 0.72 28.98
N GLU E 23 25.87 1.33 27.83
CA GLU E 23 26.13 2.76 27.72
C GLU E 23 25.46 3.30 26.47
N ARG E 24 24.56 4.26 26.63
CA ARG E 24 23.87 4.91 25.52
C ARG E 24 23.93 6.42 25.74
N ASP E 25 24.77 7.10 24.97
CA ASP E 25 24.88 8.56 24.90
C ASP E 25 25.20 9.16 26.28
N GLU E 26 26.45 8.90 26.71
CA GLU E 26 27.12 9.40 27.91
C GLU E 26 26.42 9.02 29.21
N ARG E 27 25.39 8.18 29.15
CA ARG E 27 24.67 7.71 30.33
C ARG E 27 24.90 6.22 30.47
N THR E 28 25.41 5.81 31.63
CA THR E 28 25.59 4.40 31.94
C THR E 28 24.26 3.87 32.46
N LEU E 29 23.55 3.13 31.60
CA LEU E 29 22.23 2.64 31.96
C LEU E 29 22.30 1.62 33.08
N PHE E 30 23.26 0.69 32.99
CA PHE E 30 23.51 -0.30 34.02
C PHE E 30 24.94 -0.82 33.87
N SER E 31 25.58 -1.13 34.99
CA SER E 31 27.00 -1.49 35.00
C SER E 31 27.24 -2.66 35.93
N GLY E 32 27.83 -3.74 35.39
CA GLY E 32 28.32 -4.83 36.21
C GLY E 32 27.28 -5.70 36.84
N LEU E 33 26.06 -5.73 36.31
CA LEU E 33 25.02 -6.58 36.88
C LEU E 33 25.25 -8.04 36.49
N SER E 34 25.12 -8.92 37.48
CA SER E 34 25.38 -10.34 37.31
C SER E 34 24.33 -11.14 38.06
N PHE E 35 23.77 -12.17 37.40
CA PHE E 35 22.75 -12.97 38.06
C PHE E 35 22.65 -14.32 37.38
N THR E 36 22.54 -15.37 38.19
CA THR E 36 22.38 -16.74 37.71
C THR E 36 20.95 -17.18 37.95
N LEU E 37 20.31 -17.80 36.96
CA LEU E 37 18.91 -18.16 37.04
C LEU E 37 18.78 -19.67 37.08
N ASN E 38 18.19 -20.18 38.16
CA ASN E 38 17.95 -21.61 38.30
C ASN E 38 16.68 -22.02 37.56
N ALA E 39 16.53 -23.33 37.35
CA ALA E 39 15.41 -23.85 36.59
C ALA E 39 14.09 -23.68 37.34
N GLY E 40 13.06 -23.29 36.61
CA GLY E 40 11.74 -23.09 37.20
C GLY E 40 11.69 -21.89 38.12
N GLU E 41 11.81 -20.69 37.56
CA GLU E 41 11.90 -19.48 38.36
C GLU E 41 11.16 -18.36 37.65
N TRP E 42 10.72 -17.36 38.42
CA TRP E 42 9.81 -16.30 37.97
C TRP E 42 10.43 -14.93 38.20
N VAL E 43 11.65 -14.74 37.70
CA VAL E 43 12.37 -13.47 37.82
C VAL E 43 11.58 -12.34 37.15
N GLN E 44 11.43 -11.24 37.87
CA GLN E 44 10.77 -10.03 37.35
C GLN E 44 11.69 -8.85 37.57
N ILE E 45 12.20 -8.28 36.47
CA ILE E 45 13.02 -7.09 36.55
C ILE E 45 12.14 -5.89 36.82
N THR E 46 12.51 -5.07 37.80
CA THR E 46 11.65 -3.96 38.22
C THR E 46 11.97 -2.69 37.43
N GLY E 47 13.19 -2.18 37.59
CA GLY E 47 13.59 -0.95 36.91
C GLY E 47 12.90 0.31 37.41
N SER E 48 13.43 1.46 37.02
CA SER E 48 12.78 2.74 37.32
C SER E 48 12.56 3.59 36.09
N ASN E 49 13.51 3.59 35.15
CA ASN E 49 13.37 4.35 33.92
C ASN E 49 12.68 3.53 32.83
N GLY E 50 12.19 4.23 31.80
CA GLY E 50 11.49 3.54 30.73
C GLY E 50 12.39 2.64 29.90
N ALA E 51 13.57 3.13 29.56
CA ALA E 51 14.54 2.38 28.76
C ALA E 51 15.75 2.02 29.60
N GLY E 52 16.25 0.80 29.41
CA GLY E 52 17.27 0.25 30.26
C GLY E 52 16.84 -1.10 30.78
N LYS E 53 15.56 -1.22 31.12
CA LYS E 53 14.95 -2.52 31.27
C LYS E 53 14.75 -3.19 29.90
N THR E 54 14.29 -2.41 28.92
CA THR E 54 14.08 -2.91 27.57
C THR E 54 15.39 -3.32 26.92
N THR E 55 16.44 -2.50 27.09
CA THR E 55 17.75 -2.83 26.53
C THR E 55 18.34 -4.06 27.18
N LEU E 56 18.16 -4.22 28.49
CA LEU E 56 18.70 -5.38 29.19
C LEU E 56 17.98 -6.65 28.77
N LEU E 57 16.64 -6.60 28.67
CA LEU E 57 15.88 -7.75 28.19
C LEU E 57 16.24 -8.09 26.74
N ARG E 58 16.50 -7.05 25.93
CA ARG E 58 16.94 -7.27 24.56
C ARG E 58 18.32 -7.94 24.53
N LEU E 59 19.22 -7.52 25.41
CA LEU E 59 20.59 -8.01 25.36
C LEU E 59 20.69 -9.43 25.93
N LEU E 60 19.80 -9.79 26.86
CA LEU E 60 19.78 -11.17 27.35
C LEU E 60 19.42 -12.16 26.25
N THR E 61 18.56 -11.76 25.31
CA THR E 61 18.17 -12.62 24.21
C THR E 61 19.20 -12.70 23.11
N GLY E 62 20.16 -11.79 23.06
CA GLY E 62 21.21 -11.84 22.08
C GLY E 62 21.06 -10.94 20.88
N LEU E 63 20.05 -10.06 20.86
CA LEU E 63 20.00 -9.04 19.81
C LEU E 63 21.19 -8.10 19.90
N SER E 64 21.50 -7.65 21.12
CA SER E 64 22.53 -6.66 21.35
C SER E 64 23.76 -7.34 21.94
N ARG E 65 24.89 -7.17 21.29
CA ARG E 65 26.14 -7.63 21.88
C ARG E 65 26.49 -6.76 23.08
N PRO E 66 26.80 -7.34 24.23
CA PRO E 66 27.14 -6.54 25.40
C PRO E 66 28.43 -5.74 25.19
N ASP E 67 28.44 -4.51 25.69
CA ASP E 67 29.65 -3.70 25.63
C ASP E 67 30.77 -4.28 26.49
N ALA E 68 30.41 -4.83 27.66
CA ALA E 68 31.34 -5.56 28.50
C ALA E 68 30.57 -6.68 29.17
N GLY E 69 31.28 -7.75 29.54
CA GLY E 69 30.66 -8.91 30.14
C GLY E 69 29.99 -9.79 29.10
N GLU E 70 29.28 -10.80 29.58
CA GLU E 70 28.68 -11.77 28.68
C GLU E 70 27.48 -12.45 29.33
N VAL E 71 26.60 -12.96 28.50
CA VAL E 71 25.46 -13.76 28.92
C VAL E 71 25.71 -15.19 28.48
N LEU E 72 25.57 -16.13 29.42
CA LEU E 72 26.06 -17.49 29.24
C LEU E 72 24.91 -18.47 29.40
N TRP E 73 24.95 -19.53 28.59
CA TRP E 73 23.84 -20.48 28.49
C TRP E 73 24.42 -21.90 28.48
N GLN E 74 24.28 -22.60 29.62
CA GLN E 74 24.90 -23.90 29.89
C GLN E 74 26.41 -23.90 29.67
N GLY E 75 27.08 -22.80 30.02
CA GLY E 75 28.51 -22.73 29.91
C GLY E 75 29.05 -22.38 28.53
N GLN E 76 28.17 -22.13 27.55
CA GLN E 76 28.63 -21.69 26.25
C GLN E 76 28.03 -20.33 25.91
N PRO E 77 28.84 -19.39 25.43
CA PRO E 77 28.35 -18.03 25.21
C PRO E 77 27.45 -17.95 23.99
N LEU E 78 26.77 -16.81 23.87
CA LEU E 78 25.69 -16.66 22.90
C LEU E 78 26.19 -16.51 21.47
N HIS E 79 27.48 -16.32 21.25
CA HIS E 79 27.98 -16.21 19.88
C HIS E 79 28.35 -17.56 19.28
N GLN E 80 28.15 -18.65 20.02
CA GLN E 80 28.58 -19.98 19.61
C GLN E 80 27.46 -21.01 19.60
N VAL E 81 26.52 -20.93 20.54
CA VAL E 81 25.54 -21.99 20.78
C VAL E 81 24.18 -21.48 20.29
N ARG E 82 24.22 -20.63 19.26
CA ARG E 82 23.02 -19.96 18.77
C ARG E 82 21.95 -20.93 18.26
N ASP E 83 22.37 -21.99 17.56
CA ASP E 83 21.42 -22.90 16.95
C ASP E 83 20.63 -23.70 17.97
N SER E 84 21.15 -23.85 19.19
CA SER E 84 20.40 -24.47 20.28
C SER E 84 19.76 -23.43 21.21
N TYR E 85 20.35 -22.24 21.29
CA TYR E 85 19.78 -21.18 22.13
C TYR E 85 18.46 -20.67 21.54
N HIS E 86 18.40 -20.55 20.21
CA HIS E 86 17.18 -20.08 19.56
C HIS E 86 16.10 -21.14 19.52
N GLN E 87 16.43 -22.41 19.78
CA GLN E 87 15.45 -23.48 19.79
C GLN E 87 14.72 -23.60 21.12
N ASN E 88 15.12 -22.83 22.14
CA ASN E 88 14.50 -22.91 23.45
C ASN E 88 14.14 -21.53 23.99
N LEU E 89 13.83 -20.56 23.13
CA LEU E 89 13.54 -19.21 23.56
C LEU E 89 12.25 -18.71 22.93
N LEU E 90 11.48 -17.96 23.71
CA LEU E 90 10.32 -17.21 23.21
C LEU E 90 10.45 -15.77 23.66
N TRP E 91 10.42 -14.84 22.71
CA TRP E 91 10.57 -13.42 22.99
C TRP E 91 9.37 -12.64 22.49
N ILE E 92 8.86 -11.75 23.34
CA ILE E 92 7.85 -10.76 22.99
C ILE E 92 8.39 -9.40 23.38
N GLY E 93 8.30 -8.43 22.48
CA GLY E 93 8.77 -7.08 22.76
C GLY E 93 7.66 -6.06 22.86
N HIS E 94 8.01 -4.77 22.82
CA HIS E 94 7.00 -3.73 22.76
C HIS E 94 6.19 -3.81 21.47
N GLN E 95 6.86 -4.05 20.34
CA GLN E 95 6.18 -4.35 19.10
C GLN E 95 5.88 -5.83 19.06
N PRO E 96 4.71 -6.25 18.57
CA PRO E 96 4.33 -7.68 18.63
C PRO E 96 5.25 -8.61 17.84
N GLY E 97 5.78 -8.14 16.71
CA GLY E 97 6.56 -8.97 15.84
C GLY E 97 5.76 -9.78 14.84
N ILE E 98 4.52 -9.38 14.57
CA ILE E 98 3.64 -10.11 13.69
C ILE E 98 3.49 -9.35 12.38
N LYS E 99 2.89 -10.00 11.40
CA LYS E 99 2.61 -9.35 10.13
C LYS E 99 1.17 -8.87 10.10
N THR E 100 1.00 -7.59 9.72
CA THR E 100 -0.27 -6.89 9.83
C THR E 100 -1.29 -7.35 8.79
N ARG E 101 -0.85 -7.59 7.55
CA ARG E 101 -1.77 -7.93 6.49
C ARG E 101 -2.33 -9.35 6.61
N LEU E 102 -1.54 -10.29 7.11
CA LEU E 102 -1.96 -11.68 7.21
C LEU E 102 -3.01 -11.85 8.30
N THR E 103 -3.72 -12.98 8.24
CA THR E 103 -4.66 -13.33 9.28
C THR E 103 -3.93 -13.79 10.53
N ALA E 104 -4.68 -13.88 11.64
CA ALA E 104 -4.10 -14.36 12.89
C ALA E 104 -3.69 -15.82 12.79
N LEU E 105 -4.49 -16.63 12.10
CA LEU E 105 -4.21 -18.05 11.97
C LEU E 105 -2.91 -18.30 11.21
N GLU E 106 -2.71 -17.59 10.10
CA GLU E 106 -1.49 -17.78 9.32
C GLU E 106 -0.27 -17.20 10.04
N ASN E 107 -0.46 -16.08 10.75
CA ASN E 107 0.63 -15.49 11.52
C ASN E 107 1.08 -16.43 12.64
N LEU E 108 0.14 -17.14 13.25
CA LEU E 108 0.52 -18.12 14.26
C LEU E 108 1.07 -19.39 13.63
N HIS E 109 0.58 -19.76 12.44
CA HIS E 109 1.03 -20.97 11.76
C HIS E 109 2.42 -20.82 11.17
N PHE E 110 2.90 -19.59 10.99
CA PHE E 110 4.29 -19.36 10.63
C PHE E 110 5.23 -20.03 11.62
N TYR E 111 4.95 -19.87 12.91
CA TYR E 111 5.83 -20.44 13.91
C TYR E 111 5.54 -21.93 14.07
N HIS E 112 6.35 -22.58 14.90
CA HIS E 112 6.38 -24.04 14.92
C HIS E 112 5.06 -24.61 15.44
N ARG E 113 4.81 -25.88 15.07
CA ARG E 113 3.58 -26.61 15.33
C ARG E 113 2.36 -25.89 14.77
N ASP E 114 1.44 -25.46 15.66
CA ASP E 114 0.11 -24.94 15.32
C ASP E 114 -0.56 -26.02 14.47
N GLY E 115 -1.10 -25.71 13.29
CA GLY E 115 -1.58 -26.73 12.38
C GLY E 115 -2.79 -27.51 12.84
N ASP E 116 -2.57 -28.76 13.25
CA ASP E 116 -3.66 -29.62 13.70
C ASP E 116 -4.22 -29.13 15.03
N THR E 117 -5.47 -29.52 15.30
CA THR E 117 -6.24 -28.99 16.43
C THR E 117 -5.68 -29.40 17.79
N ALA E 118 -4.75 -30.34 17.85
CA ALA E 118 -4.08 -30.63 19.12
C ALA E 118 -3.21 -29.46 19.57
N GLN E 119 -2.76 -28.63 18.62
CA GLN E 119 -2.02 -27.42 18.92
C GLN E 119 -2.62 -26.18 18.30
N CYS E 120 -3.85 -26.26 17.77
CA CYS E 120 -4.46 -25.15 17.05
C CYS E 120 -5.87 -24.91 17.56
N LEU E 121 -6.28 -23.65 17.51
CA LEU E 121 -7.62 -23.09 17.75
C LEU E 121 -8.02 -23.11 19.22
N GLU E 122 -7.22 -23.69 20.11
CA GLU E 122 -7.39 -23.43 21.55
C GLU E 122 -6.33 -22.49 22.09
N ALA E 123 -5.18 -22.37 21.41
CA ALA E 123 -4.21 -21.34 21.78
C ALA E 123 -4.78 -19.95 21.53
N LEU E 124 -5.52 -19.78 20.43
CA LEU E 124 -6.21 -18.53 20.19
C LEU E 124 -7.41 -18.36 21.12
N ALA E 125 -8.08 -19.46 21.48
CA ALA E 125 -9.29 -19.38 22.28
C ALA E 125 -9.00 -19.04 23.73
N GLN E 126 -8.00 -19.67 24.34
CA GLN E 126 -7.67 -19.41 25.74
C GLN E 126 -7.10 -18.02 25.97
N ALA E 127 -6.55 -17.39 24.93
CA ALA E 127 -6.11 -16.01 25.05
C ALA E 127 -7.28 -15.03 25.17
N GLY E 128 -8.44 -15.40 24.66
CA GLY E 128 -9.60 -14.52 24.64
C GLY E 128 -10.04 -14.07 23.27
N LEU E 129 -9.79 -14.87 22.23
CA LEU E 129 -9.99 -14.46 20.85
C LEU E 129 -10.87 -15.47 20.10
N ALA E 130 -11.96 -15.88 20.73
CA ALA E 130 -12.89 -16.80 20.09
C ALA E 130 -13.79 -16.05 19.12
N GLY E 131 -13.93 -16.57 17.91
CA GLY E 131 -14.72 -15.94 16.88
C GLY E 131 -14.01 -14.87 16.09
N PHE E 132 -12.72 -14.65 16.33
CA PHE E 132 -11.94 -13.63 15.64
C PHE E 132 -10.71 -14.25 14.97
N GLU E 133 -10.80 -15.53 14.59
CA GLU E 133 -9.62 -16.23 14.09
C GLU E 133 -9.29 -15.83 12.65
N ASP E 134 -10.31 -15.64 11.82
CA ASP E 134 -10.11 -15.45 10.39
C ASP E 134 -9.98 -13.98 10.00
N ILE E 135 -10.40 -13.06 10.86
CA ILE E 135 -10.39 -11.62 10.59
C ILE E 135 -8.95 -11.14 10.45
N PRO E 136 -8.66 -10.20 9.56
CA PRO E 136 -7.28 -9.68 9.45
C PRO E 136 -6.83 -8.96 10.71
N VAL E 137 -5.52 -8.98 10.94
CA VAL E 137 -4.91 -8.38 12.12
C VAL E 137 -5.05 -6.86 12.10
N ASN E 138 -4.95 -6.25 10.92
CA ASN E 138 -5.15 -4.81 10.75
C ASN E 138 -6.55 -4.39 11.20
N GLN E 139 -7.52 -5.29 11.10
CA GLN E 139 -8.92 -5.01 11.40
C GLN E 139 -9.27 -5.41 12.84
N LEU E 140 -8.29 -5.30 13.74
CA LEU E 140 -8.43 -5.75 15.12
C LEU E 140 -7.87 -4.68 16.06
N SER E 141 -8.10 -4.88 17.35
CA SER E 141 -7.58 -3.98 18.36
C SER E 141 -6.09 -4.18 18.56
N ALA E 142 -5.42 -3.11 19.01
CA ALA E 142 -4.00 -3.20 19.38
C ALA E 142 -3.80 -4.16 20.55
N GLY E 143 -4.74 -4.16 21.49
CA GLY E 143 -4.73 -5.18 22.54
C GLY E 143 -4.86 -6.58 21.96
N GLN E 144 -5.71 -6.75 20.96
CA GLN E 144 -5.79 -8.03 20.27
C GLN E 144 -4.59 -8.28 19.37
N GLN E 145 -4.00 -7.22 18.82
CA GLN E 145 -2.78 -7.36 18.03
C GLN E 145 -1.60 -7.81 18.89
N ARG E 146 -1.65 -7.56 20.19
CA ARG E 146 -0.66 -8.17 21.08
C ARG E 146 -1.15 -9.47 21.69
N ARG E 147 -2.46 -9.69 21.75
CA ARG E 147 -3.01 -10.95 22.25
C ARG E 147 -2.70 -12.10 21.30
N VAL E 148 -2.67 -11.84 19.99
CA VAL E 148 -2.29 -12.89 19.04
C VAL E 148 -0.82 -13.27 19.23
N ALA E 149 0.00 -12.33 19.72
CA ALA E 149 1.39 -12.64 20.04
C ALA E 149 1.50 -13.35 21.38
N LEU E 150 0.63 -13.00 22.33
CA LEU E 150 0.64 -13.70 23.62
C LEU E 150 0.07 -15.11 23.53
N ALA E 151 -0.66 -15.40 22.45
CA ALA E 151 -1.22 -16.73 22.28
C ALA E 151 -0.19 -17.79 21.94
N ARG E 152 1.06 -17.40 21.65
CA ARG E 152 2.11 -18.37 21.35
C ARG E 152 2.50 -19.21 22.55
N LEU E 153 2.20 -18.76 23.77
CA LEU E 153 2.68 -19.43 24.98
C LEU E 153 2.04 -20.81 25.16
N TRP E 154 0.85 -21.02 24.62
CA TRP E 154 0.13 -22.27 24.85
C TRP E 154 0.58 -23.41 23.94
N LEU E 155 1.34 -23.11 22.87
CA LEU E 155 1.74 -24.13 21.92
C LEU E 155 3.23 -24.31 21.80
N THR E 156 4.04 -23.44 22.40
CA THR E 156 5.48 -23.52 22.21
C THR E 156 6.08 -24.64 23.06
N ARG E 157 7.30 -25.04 22.69
CA ARG E 157 8.08 -26.01 23.43
C ARG E 157 9.39 -25.40 23.92
N ALA E 158 9.40 -24.09 24.10
CA ALA E 158 10.59 -23.35 24.51
C ALA E 158 10.65 -23.30 26.04
N THR E 159 11.81 -23.64 26.59
CA THR E 159 11.96 -23.65 28.04
C THR E 159 12.08 -22.23 28.59
N LEU E 160 12.67 -21.32 27.84
CA LEU E 160 13.02 -19.98 28.32
C LEU E 160 12.14 -18.95 27.61
N TRP E 161 11.46 -18.13 28.40
CA TRP E 161 10.61 -17.05 27.88
C TRP E 161 11.11 -15.73 28.45
N ILE E 162 11.24 -14.72 27.59
CA ILE E 162 11.50 -13.35 28.02
C ILE E 162 10.45 -12.46 27.36
N LEU E 163 9.62 -11.83 28.17
CA LEU E 163 8.49 -11.03 27.70
C LEU E 163 8.69 -9.59 28.18
N ASP E 164 8.53 -8.63 27.27
CA ASP E 164 8.85 -7.24 27.52
C ASP E 164 7.57 -6.41 27.53
N GLN E 165 6.96 -6.32 28.71
CA GLN E 165 5.68 -5.62 28.88
C GLN E 165 4.49 -6.46 28.38
N PRO E 166 4.32 -7.68 28.91
CA PRO E 166 3.22 -8.50 28.36
C PRO E 166 1.84 -7.90 28.62
N PHE E 167 1.57 -7.40 29.82
CA PHE E 167 0.22 -6.97 30.19
C PHE E 167 0.04 -5.48 29.89
N THR E 168 -0.11 -5.17 28.61
CA THR E 168 -0.41 -3.81 28.15
C THR E 168 -1.65 -3.83 27.26
N ALA E 169 -2.73 -3.22 27.74
CA ALA E 169 -4.04 -3.15 27.08
C ALA E 169 -4.64 -4.54 26.86
N ILE E 170 -4.37 -5.47 27.77
CA ILE E 170 -5.15 -6.70 27.87
C ILE E 170 -6.04 -6.60 29.11
N ASP E 171 -7.30 -7.01 28.97
CA ASP E 171 -8.26 -7.00 30.06
C ASP E 171 -7.82 -7.90 31.22
N VAL E 172 -8.47 -7.70 32.38
CA VAL E 172 -8.05 -8.35 33.61
C VAL E 172 -8.24 -9.86 33.55
N ASN E 173 -9.27 -10.31 32.83
CA ASN E 173 -9.46 -11.74 32.62
C ASN E 173 -8.31 -12.33 31.82
N GLY E 174 -7.85 -11.60 30.80
CA GLY E 174 -6.70 -12.04 30.04
C GLY E 174 -5.43 -12.07 30.86
N VAL E 175 -5.25 -11.08 31.75
CA VAL E 175 -4.09 -11.06 32.64
C VAL E 175 -4.11 -12.25 33.59
N ASP E 176 -5.29 -12.54 34.15
CA ASP E 176 -5.41 -13.67 35.08
C ASP E 176 -5.15 -14.99 34.37
N ARG E 177 -5.70 -15.17 33.17
CA ARG E 177 -5.47 -16.41 32.43
C ARG E 177 -4.00 -16.53 32.01
N LEU E 178 -3.37 -15.41 31.63
CA LEU E 178 -1.96 -15.42 31.31
C LEU E 178 -1.12 -15.88 32.49
N THR E 179 -1.31 -15.26 33.66
CA THR E 179 -0.51 -15.62 34.83
C THR E 179 -0.80 -17.05 35.29
N GLN E 180 -2.04 -17.51 35.11
CA GLN E 180 -2.35 -18.90 35.41
C GLN E 180 -1.58 -19.84 34.50
N ARG E 181 -1.44 -19.49 33.21
CA ARG E 181 -0.60 -20.27 32.31
C ARG E 181 0.88 -20.19 32.71
N MET E 182 1.32 -19.01 33.16
CA MET E 182 2.71 -18.81 33.57
C MET E 182 3.07 -19.67 34.77
N ALA E 183 2.10 -19.92 35.66
CA ALA E 183 2.35 -20.73 36.84
C ALA E 183 2.78 -22.15 36.47
N GLN E 184 2.13 -22.76 35.47
CA GLN E 184 2.47 -24.13 35.09
C GLN E 184 3.87 -24.21 34.48
N HIS E 185 4.27 -23.20 33.71
CA HIS E 185 5.64 -23.16 33.23
C HIS E 185 6.63 -22.93 34.36
N THR E 186 6.19 -22.24 35.42
CA THR E 186 7.06 -22.04 36.58
C THR E 186 7.26 -23.35 37.35
N GLU E 187 6.21 -24.17 37.47
CA GLU E 187 6.33 -25.43 38.20
C GLU E 187 7.32 -26.39 37.52
N GLN E 188 7.26 -26.50 36.19
CA GLN E 188 8.23 -27.32 35.48
C GLN E 188 9.53 -26.55 35.30
N GLY E 189 10.50 -27.17 34.63
CA GLY E 189 11.77 -26.51 34.40
C GLY E 189 11.67 -25.48 33.30
N GLY E 190 11.63 -24.21 33.70
CA GLY E 190 11.48 -23.13 32.74
C GLY E 190 11.64 -21.77 33.36
N ILE E 191 12.40 -20.89 32.71
CA ILE E 191 12.75 -19.59 33.24
C ILE E 191 12.07 -18.53 32.38
N VAL E 192 11.34 -17.63 33.03
CA VAL E 192 10.73 -16.50 32.35
C VAL E 192 11.16 -15.21 33.04
N ILE E 193 11.44 -14.19 32.23
CA ILE E 193 11.73 -12.85 32.71
C ILE E 193 10.71 -11.89 32.12
N LEU E 194 9.92 -11.23 32.98
CA LEU E 194 8.92 -10.27 32.54
C LEU E 194 9.12 -8.95 33.27
N THR E 195 8.63 -7.87 32.66
CA THR E 195 8.79 -6.52 33.19
C THR E 195 7.52 -5.72 32.90
N THR E 196 6.74 -5.44 33.94
CA THR E 196 5.50 -4.68 33.79
C THR E 196 5.42 -3.59 34.86
N HIS E 197 4.73 -2.49 34.51
CA HIS E 197 4.51 -1.43 35.48
C HIS E 197 3.36 -1.78 36.43
N GLN E 198 2.37 -2.52 35.95
CA GLN E 198 1.25 -2.91 36.78
C GLN E 198 1.71 -3.92 37.84
N PRO E 199 1.19 -3.83 39.07
CA PRO E 199 1.41 -4.91 40.02
C PRO E 199 0.69 -6.17 39.57
N LEU E 200 1.28 -7.31 39.89
CA LEU E 200 0.75 -8.61 39.50
C LEU E 200 0.32 -9.39 40.75
N ASN E 201 -0.85 -10.03 40.67
CA ASN E 201 -1.56 -10.53 41.84
C ASN E 201 -1.28 -12.01 42.12
N VAL E 202 -0.08 -12.27 42.63
CA VAL E 202 0.32 -13.59 43.10
C VAL E 202 1.18 -13.36 44.35
N ALA E 203 1.49 -14.45 45.05
CA ALA E 203 2.25 -14.36 46.30
C ALA E 203 3.67 -13.85 46.04
N GLU E 204 4.18 -13.07 47.00
CA GLU E 204 5.46 -12.37 46.83
C GLU E 204 6.63 -13.33 46.96
N SER E 205 6.43 -14.46 47.65
CA SER E 205 7.54 -15.38 47.91
C SER E 205 8.02 -16.10 46.65
N LYS E 206 7.13 -16.29 45.66
CA LYS E 206 7.53 -17.03 44.48
C LYS E 206 8.26 -16.15 43.46
N ILE E 207 8.02 -14.84 43.46
CA ILE E 207 8.67 -13.93 42.52
C ILE E 207 9.97 -13.46 43.15
N ARG E 208 11.05 -13.54 42.38
CA ARG E 208 12.35 -13.06 42.82
C ARG E 208 12.71 -11.79 42.08
N ARG E 209 13.06 -10.75 42.83
CA ARG E 209 13.28 -9.42 42.29
C ARG E 209 14.77 -9.21 42.04
N ILE E 210 15.12 -9.01 40.78
CA ILE E 210 16.48 -8.65 40.38
C ILE E 210 16.40 -7.21 39.86
N SER E 211 16.66 -6.25 40.74
CA SER E 211 16.53 -4.84 40.40
C SER E 211 17.87 -4.27 39.97
N LEU E 212 17.82 -3.34 39.02
CA LEU E 212 19.03 -2.65 38.59
C LEU E 212 19.47 -1.68 39.68
N THR E 213 20.78 -1.61 39.90
CA THR E 213 21.36 -0.76 40.92
C THR E 213 22.45 0.11 40.32
N GLN E 214 22.70 1.25 40.95
CA GLN E 214 23.72 2.18 40.49
C GLN E 214 24.57 2.70 41.64
N MET F 2 11.62 -24.94 7.09
CA MET F 2 11.20 -23.57 7.40
C MET F 2 11.85 -22.56 6.48
N PHE F 3 12.87 -23.00 5.74
CA PHE F 3 13.38 -22.23 4.61
C PHE F 3 12.28 -21.99 3.59
N TRP F 4 11.63 -23.08 3.15
CA TRP F 4 10.53 -22.98 2.21
C TRP F 4 9.31 -22.34 2.85
N ARG F 5 9.18 -22.42 4.18
CA ARG F 5 8.06 -21.73 4.84
C ARG F 5 8.26 -20.22 4.85
N ILE F 6 9.50 -19.76 5.00
CA ILE F 6 9.80 -18.34 4.84
C ILE F 6 9.53 -17.90 3.40
N PHE F 7 9.94 -18.74 2.44
CA PHE F 7 9.61 -18.52 1.03
C PHE F 7 8.11 -18.34 0.81
N ARG F 8 7.31 -19.26 1.35
CA ARG F 8 5.87 -19.23 1.13
C ARG F 8 5.21 -18.07 1.86
N LEU F 9 5.71 -17.69 3.04
CA LEU F 9 5.13 -16.53 3.72
C LEU F 9 5.44 -15.25 2.98
N GLU F 10 6.64 -15.11 2.43
CA GLU F 10 6.94 -13.91 1.67
C GLU F 10 6.10 -13.85 0.39
N LEU F 11 5.89 -14.99 -0.25
CA LEU F 11 4.96 -15.04 -1.38
C LEU F 11 3.54 -14.69 -0.96
N ARG F 12 3.14 -15.00 0.28
CA ARG F 12 1.76 -14.78 0.68
C ARG F 12 1.54 -13.38 1.11
N VAL F 13 2.57 -12.74 1.62
CA VAL F 13 2.38 -11.33 1.94
C VAL F 13 2.53 -10.49 0.68
N ALA F 14 3.25 -11.01 -0.32
CA ALA F 14 3.31 -10.32 -1.61
C ALA F 14 1.98 -10.38 -2.35
N PHE F 15 1.45 -11.60 -2.56
CA PHE F 15 0.21 -11.77 -3.31
C PHE F 15 -0.92 -12.14 -2.36
N ARG F 16 -2.02 -11.37 -2.40
CA ARG F 16 -3.07 -11.50 -1.40
C ARG F 16 -4.35 -12.13 -1.93
N HIS F 17 -4.91 -11.65 -3.05
CA HIS F 17 -6.16 -12.19 -3.56
C HIS F 17 -5.86 -13.18 -4.67
N SER F 18 -6.93 -13.70 -5.27
CA SER F 18 -6.82 -14.73 -6.30
C SER F 18 -6.20 -14.17 -7.58
N ALA F 19 -6.65 -13.00 -8.01
CA ALA F 19 -6.15 -12.35 -9.22
C ALA F 19 -5.48 -11.05 -8.79
N GLU F 20 -4.21 -11.17 -8.40
CA GLU F 20 -3.43 -10.05 -7.90
C GLU F 20 -2.03 -10.01 -8.50
N ILE F 21 -1.62 -11.07 -9.20
CA ILE F 21 -0.29 -11.17 -9.78
C ILE F 21 -0.14 -10.24 -10.99
N ALA F 22 -1.24 -9.68 -11.49
CA ALA F 22 -1.20 -8.95 -12.75
C ALA F 22 -0.51 -7.60 -12.64
N ASN F 23 -0.51 -6.99 -11.45
CA ASN F 23 0.06 -5.65 -11.32
C ASN F 23 1.56 -5.55 -11.58
N PRO F 24 2.43 -6.46 -11.09
CA PRO F 24 3.83 -6.42 -11.58
C PRO F 24 3.95 -6.69 -13.07
N LEU F 25 2.98 -7.38 -13.67
CA LEU F 25 3.00 -7.60 -15.11
C LEU F 25 2.61 -6.33 -15.87
N TRP F 26 1.62 -5.59 -15.35
CA TRP F 26 1.13 -4.41 -16.06
C TRP F 26 2.03 -3.19 -15.85
N PHE F 27 2.71 -3.09 -14.71
CA PHE F 27 3.60 -1.95 -14.47
C PHE F 27 4.75 -1.93 -15.47
N PHE F 28 5.25 -3.12 -15.82
CA PHE F 28 6.32 -3.17 -16.81
C PHE F 28 5.82 -2.70 -18.17
N LEU F 29 4.59 -3.05 -18.55
CA LEU F 29 4.00 -2.50 -19.77
C LEU F 29 3.80 -1.00 -19.68
N ILE F 30 3.53 -0.47 -18.48
CA ILE F 30 3.45 0.98 -18.29
C ILE F 30 4.77 1.63 -18.68
N VAL F 31 5.89 1.08 -18.22
CA VAL F 31 7.18 1.68 -18.55
C VAL F 31 7.52 1.49 -20.04
N ILE F 32 7.24 0.29 -20.58
CA ILE F 32 7.56 -0.02 -21.97
C ILE F 32 6.75 0.83 -22.93
N THR F 33 5.50 1.18 -22.58
CA THR F 33 4.82 2.17 -23.40
C THR F 33 5.29 3.58 -23.09
N LEU F 34 5.79 3.83 -21.86
CA LEU F 34 6.13 5.18 -21.43
C LEU F 34 7.29 5.76 -22.22
N PHE F 35 8.30 4.93 -22.52
CA PHE F 35 9.45 5.47 -23.26
C PHE F 35 9.12 5.94 -24.69
N PRO F 36 8.38 5.19 -25.53
CA PRO F 36 8.06 5.73 -26.86
C PRO F 36 7.07 6.89 -26.84
N LEU F 37 6.33 7.10 -25.74
CA LEU F 37 5.47 8.28 -25.66
C LEU F 37 6.28 9.56 -25.75
N SER F 38 7.52 9.55 -25.27
CA SER F 38 8.37 10.72 -25.35
C SER F 38 9.32 10.64 -26.55
N ILE F 39 9.90 9.47 -26.79
CA ILE F 39 10.98 9.36 -27.76
C ILE F 39 10.44 9.44 -29.19
N GLY F 40 9.64 8.47 -29.60
CA GLY F 40 9.06 8.48 -30.92
C GLY F 40 8.50 7.15 -31.37
N PRO F 41 7.79 7.15 -32.51
CA PRO F 41 7.20 5.92 -33.05
C PRO F 41 8.00 5.22 -34.15
N GLU F 42 9.16 5.74 -34.54
CA GLU F 42 9.89 5.20 -35.69
C GLU F 42 10.53 3.87 -35.28
N PRO F 43 10.32 2.80 -36.05
CA PRO F 43 10.63 1.44 -35.56
C PRO F 43 12.08 1.00 -35.70
N GLN F 44 13.03 1.89 -36.01
CA GLN F 44 14.43 1.51 -36.03
C GLN F 44 15.20 2.05 -34.83
N LEU F 45 14.88 3.29 -34.41
CA LEU F 45 15.51 3.85 -33.23
C LEU F 45 15.14 3.06 -31.98
N LEU F 46 13.90 2.56 -31.91
CA LEU F 46 13.48 1.74 -30.78
C LEU F 46 14.25 0.42 -30.73
N ALA F 47 14.50 -0.19 -31.89
CA ALA F 47 15.34 -1.39 -31.92
C ALA F 47 16.77 -1.04 -31.52
N ARG F 48 17.22 0.17 -31.83
CA ARG F 48 18.53 0.62 -31.37
C ARG F 48 18.59 0.77 -29.84
N ILE F 49 17.52 1.29 -29.23
CA ILE F 49 17.61 1.73 -27.83
C ILE F 49 16.89 0.79 -26.87
N ALA F 50 16.40 -0.36 -27.37
CA ALA F 50 15.77 -1.36 -26.50
C ALA F 50 16.55 -1.79 -25.26
N PRO F 51 17.89 -1.99 -25.28
CA PRO F 51 18.57 -2.39 -24.04
C PRO F 51 18.43 -1.39 -22.90
N GLY F 52 18.61 -0.09 -23.17
CA GLY F 52 18.39 0.89 -22.13
C GLY F 52 16.96 0.90 -21.63
N ILE F 53 16.01 0.70 -22.55
CA ILE F 53 14.59 0.61 -22.20
C ILE F 53 14.33 -0.47 -21.17
N ILE F 54 14.64 -1.73 -21.52
CA ILE F 54 14.27 -2.82 -20.63
C ILE F 54 15.15 -2.81 -19.37
N TRP F 55 16.40 -2.35 -19.46
CA TRP F 55 17.20 -2.42 -18.25
C TRP F 55 16.85 -1.31 -17.26
N VAL F 56 16.49 -0.11 -17.75
CA VAL F 56 15.99 0.92 -16.85
C VAL F 56 14.66 0.51 -16.24
N ALA F 57 13.79 -0.13 -17.04
CA ALA F 57 12.50 -0.60 -16.50
C ALA F 57 12.70 -1.67 -15.43
N ALA F 58 13.59 -2.63 -15.67
CA ALA F 58 13.84 -3.68 -14.69
C ALA F 58 14.49 -3.14 -13.43
N LEU F 59 15.41 -2.19 -13.58
CA LEU F 59 16.04 -1.56 -12.42
C LEU F 59 15.00 -0.80 -11.59
N LEU F 60 14.09 -0.09 -12.27
CA LEU F 60 13.05 0.63 -11.56
C LEU F 60 12.12 -0.31 -10.80
N SER F 61 11.73 -1.43 -11.43
CA SER F 61 10.87 -2.39 -10.75
C SER F 61 11.56 -3.01 -9.54
N SER F 62 12.82 -3.41 -9.70
CA SER F 62 13.55 -4.04 -8.61
C SER F 62 13.77 -3.06 -7.45
N LEU F 63 14.15 -1.82 -7.77
CA LEU F 63 14.39 -0.83 -6.73
C LEU F 63 13.09 -0.41 -6.05
N LEU F 64 11.98 -0.45 -6.79
CA LEU F 64 10.68 -0.11 -6.21
C LEU F 64 10.23 -1.19 -5.24
N ALA F 65 10.45 -2.46 -5.59
CA ALA F 65 9.99 -3.53 -4.72
C ALA F 65 11.03 -3.97 -3.68
N LEU F 66 12.24 -3.39 -3.71
CA LEU F 66 13.32 -3.89 -2.86
C LEU F 66 13.17 -3.47 -1.39
N GLU F 67 12.25 -2.53 -1.09
CA GLU F 67 12.18 -1.97 0.26
C GLU F 67 11.69 -2.99 1.28
N ARG F 68 10.69 -3.81 0.91
CA ARG F 68 10.02 -4.71 1.85
C ARG F 68 10.96 -5.78 2.39
N LEU F 69 12.12 -5.96 1.77
CA LEU F 69 13.10 -6.93 2.25
C LEU F 69 13.51 -6.62 3.69
N PHE F 70 13.93 -5.39 3.95
CA PHE F 70 14.55 -5.07 5.22
C PHE F 70 13.94 -3.86 5.92
N ARG F 71 13.08 -3.09 5.26
CA ARG F 71 12.57 -1.86 5.87
C ARG F 71 11.26 -2.04 6.62
N ASP F 72 10.28 -2.72 6.01
CA ASP F 72 8.96 -2.84 6.62
C ASP F 72 9.04 -3.71 7.88
N ASP F 73 9.81 -4.79 7.84
CA ASP F 73 9.84 -5.74 8.95
C ASP F 73 10.52 -5.19 10.20
N LEU F 74 11.21 -4.05 10.09
CA LEU F 74 11.80 -3.43 11.28
C LEU F 74 10.72 -2.84 12.19
N GLN F 75 9.78 -2.10 11.61
CA GLN F 75 8.79 -1.39 12.42
C GLN F 75 7.78 -2.35 13.04
N ASP F 76 7.34 -3.35 12.28
CA ASP F 76 6.42 -4.35 12.83
C ASP F 76 7.13 -5.28 13.81
N GLY F 77 8.45 -5.36 13.76
CA GLY F 77 9.22 -6.18 14.66
C GLY F 77 9.35 -7.64 14.25
N SER F 78 8.81 -8.03 13.10
CA SER F 78 8.90 -9.41 12.65
C SER F 78 10.33 -9.79 12.27
N LEU F 79 11.14 -8.80 11.90
CA LEU F 79 12.52 -9.06 11.51
C LEU F 79 13.33 -9.63 12.67
N GLU F 80 13.04 -9.19 13.89
CA GLU F 80 13.76 -9.69 15.05
C GLU F 80 13.48 -11.17 15.32
N GLN F 81 12.22 -11.59 15.24
CA GLN F 81 11.93 -13.00 15.43
C GLN F 81 12.17 -13.83 14.18
N LEU F 82 12.46 -13.20 13.03
CA LEU F 82 13.14 -13.93 11.96
C LEU F 82 14.61 -14.14 12.30
N MET F 83 15.22 -13.14 12.93
CA MET F 83 16.62 -13.25 13.33
C MET F 83 16.83 -14.33 14.38
N LEU F 84 15.86 -14.51 15.27
CA LEU F 84 15.94 -15.54 16.30
C LEU F 84 15.27 -16.85 15.90
N LEU F 85 14.89 -17.01 14.64
CA LEU F 85 14.37 -18.29 14.19
C LEU F 85 15.52 -19.30 14.11
N PRO F 86 15.30 -20.55 14.54
CA PRO F 86 16.39 -21.55 14.60
C PRO F 86 16.88 -22.00 13.23
N LEU F 87 17.51 -21.07 12.51
CA LEU F 87 18.11 -21.27 11.20
C LEU F 87 19.12 -20.16 10.98
N PRO F 88 20.27 -20.45 10.36
CA PRO F 88 21.27 -19.41 10.13
C PRO F 88 20.74 -18.25 9.29
N LEU F 89 21.13 -17.04 9.70
CA LEU F 89 20.69 -15.80 9.06
C LEU F 89 21.03 -15.66 7.58
N PRO F 90 22.22 -16.06 7.08
CA PRO F 90 22.42 -16.02 5.62
C PRO F 90 21.42 -16.86 4.83
N ALA F 91 21.00 -18.01 5.36
CA ALA F 91 19.96 -18.78 4.70
C ALA F 91 18.62 -18.04 4.72
N VAL F 92 18.36 -17.29 5.80
CA VAL F 92 17.12 -16.53 5.91
C VAL F 92 17.08 -15.41 4.87
N VAL F 93 18.17 -14.64 4.77
CA VAL F 93 18.20 -13.54 3.81
C VAL F 93 18.26 -14.07 2.38
N LEU F 94 18.87 -15.25 2.18
CA LEU F 94 18.83 -15.90 0.87
C LEU F 94 17.41 -16.27 0.48
N ALA F 95 16.64 -16.82 1.43
CA ALA F 95 15.24 -17.13 1.18
C ALA F 95 14.45 -15.87 0.86
N LYS F 96 14.70 -14.79 1.59
CA LYS F 96 13.95 -13.56 1.40
C LYS F 96 14.24 -12.92 0.04
N VAL F 97 15.51 -12.90 -0.38
CA VAL F 97 15.84 -12.32 -1.67
C VAL F 97 15.38 -13.23 -2.82
N MET F 98 15.44 -14.55 -2.61
CA MET F 98 14.92 -15.47 -3.62
C MET F 98 13.40 -15.35 -3.74
N ALA F 99 12.72 -14.97 -2.66
CA ALA F 99 11.30 -14.66 -2.75
C ALA F 99 11.06 -13.33 -3.43
N HIS F 100 11.97 -12.37 -3.22
CA HIS F 100 11.92 -11.10 -3.95
C HIS F 100 12.06 -11.30 -5.46
N TRP F 101 12.85 -12.29 -5.88
CA TRP F 101 13.03 -12.53 -7.30
C TRP F 101 11.74 -12.98 -7.97
N MET F 102 10.83 -13.58 -7.20
CA MET F 102 9.51 -13.96 -7.70
C MET F 102 8.68 -12.77 -8.13
N VAL F 103 8.96 -11.58 -7.60
CA VAL F 103 8.14 -10.41 -7.86
C VAL F 103 8.49 -9.76 -9.19
N THR F 104 9.80 -9.64 -9.46
CA THR F 104 10.24 -8.84 -10.62
C THR F 104 10.76 -9.70 -11.76
N GLY F 105 11.51 -10.75 -11.44
CA GLY F 105 12.28 -11.44 -12.47
C GLY F 105 11.44 -12.31 -13.38
N LEU F 106 10.71 -13.26 -12.82
CA LEU F 106 9.98 -14.20 -13.66
C LEU F 106 8.72 -13.61 -14.32
N PRO F 107 7.97 -12.67 -13.73
CA PRO F 107 6.99 -11.93 -14.55
C PRO F 107 7.62 -11.22 -15.73
N LEU F 108 8.84 -10.69 -15.57
CA LEU F 108 9.57 -10.13 -16.69
C LEU F 108 9.89 -11.19 -17.74
N LEU F 109 10.27 -12.39 -17.30
CA LEU F 109 10.57 -13.46 -18.25
C LEU F 109 9.31 -13.92 -18.99
N ILE F 110 8.15 -13.85 -18.32
CA ILE F 110 6.90 -14.18 -19.01
C ILE F 110 6.53 -13.10 -20.02
N LEU F 111 6.72 -11.83 -19.67
CA LEU F 111 6.30 -10.75 -20.56
C LEU F 111 7.36 -10.36 -21.58
N SER F 112 8.53 -10.99 -21.57
CA SER F 112 9.55 -10.67 -22.57
C SER F 112 9.13 -10.84 -24.04
N PRO F 113 8.38 -11.87 -24.48
CA PRO F 113 8.00 -11.90 -25.92
C PRO F 113 7.12 -10.74 -26.35
N LEU F 114 6.20 -10.28 -25.50
CA LEU F 114 5.28 -9.22 -25.90
C LEU F 114 6.01 -7.89 -26.03
N VAL F 115 6.92 -7.59 -25.10
CA VAL F 115 7.65 -6.34 -25.17
C VAL F 115 8.77 -6.41 -26.19
N ALA F 116 9.20 -7.63 -26.55
CA ALA F 116 10.07 -7.78 -27.70
C ALA F 116 9.32 -7.48 -28.99
N MET F 117 8.07 -7.95 -29.08
CA MET F 117 7.24 -7.69 -30.27
C MET F 117 6.88 -6.21 -30.36
N LEU F 118 6.69 -5.56 -29.21
CA LEU F 118 6.35 -4.13 -29.22
C LEU F 118 7.57 -3.29 -29.59
N LEU F 119 8.77 -3.78 -29.31
CA LEU F 119 10.00 -3.04 -29.59
C LEU F 119 10.71 -3.53 -30.84
N GLY F 120 10.02 -4.30 -31.69
CA GLY F 120 10.61 -4.80 -32.92
C GLY F 120 11.54 -5.98 -32.71
N MET F 121 12.83 -5.74 -32.88
CA MET F 121 13.93 -6.69 -32.65
C MET F 121 13.73 -7.92 -33.55
N ASP F 122 14.16 -9.09 -33.10
CA ASP F 122 14.01 -10.33 -33.85
C ASP F 122 13.96 -11.50 -32.87
N VAL F 123 13.90 -12.71 -33.42
CA VAL F 123 13.80 -13.90 -32.58
C VAL F 123 15.12 -14.16 -31.84
N TYR F 124 16.26 -13.83 -32.46
CA TYR F 124 17.54 -13.92 -31.75
C TYR F 124 17.63 -12.88 -30.66
N GLY F 125 17.06 -11.70 -30.89
CA GLY F 125 16.98 -10.70 -29.85
C GLY F 125 16.17 -11.17 -28.66
N TRP F 126 15.05 -11.84 -28.91
CA TRP F 126 14.23 -12.39 -27.83
C TRP F 126 14.97 -13.51 -27.09
N GLN F 127 15.70 -14.36 -27.84
CA GLN F 127 16.44 -15.44 -27.20
C GLN F 127 17.54 -14.91 -26.28
N VAL F 128 18.38 -14.01 -26.80
CA VAL F 128 19.43 -13.45 -25.96
C VAL F 128 18.83 -12.56 -24.88
N MET F 129 17.64 -12.02 -25.13
CA MET F 129 16.92 -11.16 -24.20
C MET F 129 16.56 -11.95 -22.94
N ALA F 130 15.97 -13.13 -23.15
CA ALA F 130 15.63 -14.02 -22.04
C ALA F 130 16.88 -14.58 -21.36
N LEU F 131 17.87 -15.00 -22.14
CA LEU F 131 19.07 -15.57 -21.55
C LEU F 131 19.90 -14.55 -20.77
N THR F 132 19.74 -13.26 -21.03
CA THR F 132 20.43 -12.30 -20.19
C THR F 132 19.54 -11.81 -19.05
N LEU F 133 18.21 -11.87 -19.22
CA LEU F 133 17.33 -11.44 -18.14
C LEU F 133 17.34 -12.45 -16.99
N LEU F 134 17.32 -13.75 -17.33
CA LEU F 134 17.40 -14.84 -16.35
C LEU F 134 18.67 -14.81 -15.53
N LEU F 135 19.75 -14.23 -16.07
CA LEU F 135 21.00 -14.05 -15.34
C LEU F 135 21.15 -12.67 -14.72
N GLY F 136 20.35 -11.69 -15.15
CA GLY F 136 20.56 -10.33 -14.68
C GLY F 136 19.65 -9.94 -13.53
N THR F 137 18.44 -10.52 -13.47
CA THR F 137 17.57 -10.20 -12.34
C THR F 137 18.05 -10.70 -10.97
N PRO F 138 18.53 -11.95 -10.78
CA PRO F 138 18.94 -12.34 -9.42
C PRO F 138 20.18 -11.63 -8.92
N THR F 139 21.14 -11.35 -9.80
CA THR F 139 22.30 -10.58 -9.39
C THR F 139 21.92 -9.13 -9.05
N LEU F 140 20.90 -8.59 -9.73
CA LEU F 140 20.39 -7.27 -9.37
C LEU F 140 19.78 -7.28 -7.97
N GLY F 141 18.98 -8.30 -7.65
CA GLY F 141 18.42 -8.38 -6.30
C GLY F 141 19.49 -8.59 -5.24
N PHE F 142 20.46 -9.48 -5.51
CA PHE F 142 21.50 -9.78 -4.54
C PHE F 142 22.41 -8.58 -4.32
N LEU F 143 22.60 -7.76 -5.36
CA LEU F 143 23.44 -6.58 -5.21
C LEU F 143 22.67 -5.41 -4.61
N GLY F 144 21.35 -5.38 -4.77
CA GLY F 144 20.56 -4.35 -4.13
C GLY F 144 20.27 -4.62 -2.66
N ALA F 145 20.39 -5.88 -2.25
CA ALA F 145 20.17 -6.21 -0.83
C ALA F 145 21.10 -5.51 0.17
N PRO F 146 22.44 -5.44 -0.01
CA PRO F 146 23.27 -4.88 1.09
C PRO F 146 23.06 -3.40 1.38
N GLY F 147 22.79 -2.58 0.36
CA GLY F 147 22.55 -1.17 0.62
C GLY F 147 21.27 -0.94 1.41
N VAL F 148 20.23 -1.70 1.09
CA VAL F 148 19.00 -1.67 1.87
C VAL F 148 19.26 -2.20 3.28
N ALA F 149 20.15 -3.18 3.42
CA ALA F 149 20.50 -3.68 4.75
C ALA F 149 21.18 -2.61 5.59
N LEU F 150 22.09 -1.83 4.99
CA LEU F 150 22.76 -0.77 5.74
C LEU F 150 21.86 0.42 6.03
N THR F 151 20.89 0.71 5.16
CA THR F 151 20.10 1.93 5.36
C THR F 151 19.06 1.77 6.46
N VAL F 152 18.84 0.53 6.92
CA VAL F 152 17.90 0.26 8.00
C VAL F 152 18.51 0.57 9.36
N GLY F 153 19.83 0.80 9.43
CA GLY F 153 20.50 1.04 10.69
C GLY F 153 20.07 2.33 11.36
N LEU F 154 20.72 2.61 12.51
CA LEU F 154 20.28 3.64 13.43
C LEU F 154 20.24 5.01 12.75
N LYS F 155 19.11 5.70 12.94
CA LYS F 155 18.70 6.78 12.04
C LYS F 155 19.47 8.05 12.35
N ARG F 156 20.74 8.12 11.92
CA ARG F 156 21.55 9.31 12.06
C ARG F 156 22.33 9.61 10.79
N GLY F 157 22.40 8.62 9.90
CA GLY F 157 23.30 8.74 8.76
C GLY F 157 22.77 9.71 7.72
N GLY F 158 23.60 10.71 7.40
CA GLY F 158 23.18 11.76 6.50
C GLY F 158 23.07 11.39 5.03
N VAL F 159 24.19 11.23 4.33
CA VAL F 159 24.16 11.16 2.87
C VAL F 159 24.95 9.98 2.33
N LEU F 160 25.86 9.44 3.13
CA LEU F 160 26.87 8.53 2.58
C LEU F 160 26.32 7.13 2.31
N LEU F 161 25.19 6.75 2.89
CA LEU F 161 24.72 5.38 2.77
C LEU F 161 24.09 5.08 1.41
N SER F 162 23.75 6.11 0.62
CA SER F 162 23.10 5.87 -0.66
C SER F 162 24.08 5.43 -1.73
N ILE F 163 25.37 5.62 -1.50
CA ILE F 163 26.40 5.15 -2.44
C ILE F 163 26.55 3.63 -2.40
N LEU F 164 26.11 2.99 -1.32
CA LEU F 164 26.24 1.54 -1.22
C LEU F 164 25.16 0.80 -2.01
N VAL F 165 24.08 1.49 -2.39
CA VAL F 165 22.92 0.76 -2.93
C VAL F 165 22.83 0.88 -4.45
N LEU F 166 22.77 2.10 -5.01
CA LEU F 166 22.63 2.24 -6.47
C LEU F 166 23.92 2.17 -7.29
N PRO F 167 25.02 2.89 -6.96
CA PRO F 167 26.17 2.90 -7.88
C PRO F 167 27.00 1.62 -7.92
N LEU F 168 26.52 0.54 -7.32
CA LEU F 168 27.13 -0.77 -7.51
C LEU F 168 26.63 -1.48 -8.77
N THR F 169 25.58 -0.95 -9.40
CA THR F 169 24.98 -1.57 -10.57
C THR F 169 25.77 -1.26 -11.85
N ILE F 170 26.86 -0.49 -11.72
CA ILE F 170 27.62 -0.04 -12.90
C ILE F 170 28.18 -1.20 -13.73
N PRO F 171 28.96 -2.15 -13.18
CA PRO F 171 29.52 -3.19 -14.07
C PRO F 171 28.46 -4.12 -14.62
N LEU F 172 27.48 -4.46 -13.78
CA LEU F 172 26.37 -5.33 -14.18
C LEU F 172 25.63 -4.76 -15.38
N LEU F 173 25.17 -3.52 -15.26
CA LEU F 173 24.33 -2.95 -16.29
C LEU F 173 25.14 -2.58 -17.53
N ILE F 174 26.37 -2.07 -17.35
CA ILE F 174 27.19 -1.73 -18.50
C ILE F 174 27.57 -2.99 -19.29
N PHE F 175 27.81 -4.09 -18.58
CA PHE F 175 28.12 -5.34 -19.27
C PHE F 175 26.89 -5.92 -19.96
N ALA F 176 25.71 -5.75 -19.36
CA ALA F 176 24.50 -6.33 -19.95
C ALA F 176 24.04 -5.55 -21.18
N THR F 177 24.04 -4.21 -21.09
CA THR F 177 23.53 -3.40 -22.19
C THR F 177 24.45 -3.47 -23.40
N ALA F 178 25.77 -3.56 -23.18
CA ALA F 178 26.69 -3.71 -24.28
C ALA F 178 26.48 -5.04 -25.00
N ALA F 179 26.22 -6.11 -24.24
CA ALA F 179 25.91 -7.40 -24.83
C ALA F 179 24.62 -7.35 -25.65
N MET F 180 23.59 -6.70 -25.11
CA MET F 180 22.31 -6.70 -25.80
C MET F 180 22.34 -5.80 -27.03
N ASP F 181 23.15 -4.73 -26.99
CA ASP F 181 23.35 -3.90 -28.18
C ASP F 181 24.17 -4.63 -29.23
N ALA F 182 25.19 -5.37 -28.80
CA ALA F 182 25.99 -6.14 -29.75
C ALA F 182 25.23 -7.35 -30.29
N ALA F 183 24.12 -7.71 -29.64
CA ALA F 183 23.28 -8.77 -30.17
C ALA F 183 22.37 -8.27 -31.29
N SER F 184 22.26 -6.95 -31.46
CA SER F 184 21.40 -6.40 -32.52
C SER F 184 21.96 -6.71 -33.90
N MET F 185 23.25 -6.44 -34.10
CA MET F 185 23.97 -6.85 -35.30
C MET F 185 24.56 -8.22 -34.99
N HIS F 186 24.31 -9.20 -35.87
CA HIS F 186 24.56 -10.60 -35.56
C HIS F 186 26.05 -10.87 -35.34
N LEU F 187 26.40 -11.12 -34.07
CA LEU F 187 27.77 -11.25 -33.63
C LEU F 187 27.81 -12.27 -32.50
N PRO F 188 28.96 -12.91 -32.25
CA PRO F 188 29.07 -13.79 -31.09
C PRO F 188 28.96 -13.02 -29.78
N VAL F 189 28.05 -13.47 -28.91
CA VAL F 189 27.78 -12.81 -27.64
C VAL F 189 27.95 -13.74 -26.45
N ASP F 190 28.56 -14.92 -26.62
CA ASP F 190 28.68 -15.87 -25.52
C ASP F 190 29.68 -15.39 -24.47
N GLY F 191 30.68 -14.62 -24.88
CA GLY F 191 31.70 -14.13 -23.95
C GLY F 191 31.21 -13.13 -22.93
N TYR F 192 30.08 -12.49 -23.18
CA TYR F 192 29.46 -11.58 -22.21
C TYR F 192 28.44 -12.27 -21.34
N LEU F 193 27.69 -13.24 -21.89
CA LEU F 193 26.82 -14.06 -21.06
C LEU F 193 27.63 -14.88 -20.06
N ALA F 194 28.84 -15.32 -20.45
CA ALA F 194 29.70 -16.06 -19.54
C ALA F 194 30.14 -15.20 -18.36
N ILE F 195 30.54 -13.96 -18.62
CA ILE F 195 30.99 -13.10 -17.51
C ILE F 195 29.80 -12.64 -16.67
N LEU F 196 28.62 -12.52 -17.29
CA LEU F 196 27.41 -12.25 -16.52
C LEU F 196 27.08 -13.41 -15.58
N GLY F 197 27.22 -14.64 -16.06
CA GLY F 197 27.00 -15.79 -15.20
C GLY F 197 28.05 -15.91 -14.11
N ALA F 198 29.29 -15.54 -14.41
CA ALA F 198 30.34 -15.53 -13.40
C ALA F 198 30.05 -14.50 -12.32
N LEU F 199 29.59 -13.31 -12.72
CA LEU F 199 29.20 -12.30 -11.75
C LEU F 199 28.01 -12.77 -10.91
N LEU F 200 27.06 -13.45 -11.55
CA LEU F 200 25.91 -14.02 -10.83
C LEU F 200 26.35 -15.02 -9.77
N ALA F 201 27.26 -15.93 -10.14
CA ALA F 201 27.75 -16.94 -9.20
C ALA F 201 28.52 -16.29 -8.05
N GLY F 202 29.35 -15.30 -8.38
CA GLY F 202 30.13 -14.63 -7.35
C GLY F 202 29.26 -13.87 -6.35
N THR F 203 28.27 -13.13 -6.85
CA THR F 203 27.42 -12.38 -5.93
C THR F 203 26.47 -13.31 -5.18
N ALA F 204 26.08 -14.44 -5.78
CA ALA F 204 25.22 -15.38 -5.07
C ALA F 204 25.99 -16.08 -3.97
N THR F 205 27.29 -16.30 -4.16
CA THR F 205 28.09 -16.87 -3.08
C THR F 205 28.36 -15.85 -1.99
N LEU F 206 28.69 -14.61 -2.35
CA LEU F 206 29.20 -13.64 -1.38
C LEU F 206 28.15 -12.72 -0.77
N SER F 207 26.91 -12.71 -1.27
CA SER F 207 25.95 -11.72 -0.79
C SER F 207 25.31 -12.06 0.57
N PRO F 208 24.71 -13.24 0.79
CA PRO F 208 23.99 -13.44 2.07
C PRO F 208 24.87 -13.40 3.30
N PHE F 209 26.11 -13.87 3.20
CA PHE F 209 27.00 -13.84 4.36
C PHE F 209 27.40 -12.41 4.71
N ALA F 210 27.51 -11.55 3.71
CA ALA F 210 27.79 -10.14 3.98
C ALA F 210 26.56 -9.43 4.53
N THR F 211 25.38 -9.72 3.98
CA THR F 211 24.16 -9.05 4.46
C THR F 211 23.76 -9.52 5.85
N ALA F 212 24.16 -10.72 6.27
CA ALA F 212 23.93 -11.15 7.64
C ALA F 212 24.68 -10.26 8.63
N ALA F 213 25.96 -10.00 8.35
CA ALA F 213 26.72 -9.08 9.21
C ALA F 213 26.22 -7.65 9.07
N ALA F 214 25.72 -7.28 7.88
CA ALA F 214 25.13 -5.96 7.70
C ALA F 214 23.90 -5.78 8.58
N LEU F 215 23.04 -6.79 8.65
CA LEU F 215 21.86 -6.73 9.50
C LEU F 215 22.24 -6.81 10.98
N ARG F 216 23.33 -7.53 11.30
CA ARG F 216 23.86 -7.51 12.66
C ARG F 216 24.31 -6.11 13.06
N ILE F 217 24.98 -5.40 12.16
CA ILE F 217 25.41 -4.04 12.44
C ILE F 217 24.24 -3.07 12.50
N SER F 218 23.22 -3.27 11.67
CA SER F 218 22.13 -2.29 11.51
C SER F 218 21.34 -2.10 12.80
N ILE F 219 20.92 -3.20 13.42
CA ILE F 219 20.20 -3.12 14.71
C ILE F 219 21.19 -3.56 15.78
N GLN F 220 21.43 -2.67 16.73
CA GLN F 220 22.36 -2.92 17.82
C GLN F 220 21.64 -2.72 19.15
#